data_5Z5M
#
_entry.id   5Z5M
#
_cell.length_a   65.550
_cell.length_b   99.920
_cell.length_c   90.180
_cell.angle_alpha   90.000
_cell.angle_beta   109.350
_cell.angle_gamma   90.000
#
_symmetry.space_group_name_H-M   'P 1 21 1'
#
loop_
_entity.id
_entity.type
_entity.pdbx_description
1 polymer 'Predicted protein'
2 water water
#
_entity_poly.entity_id   1
_entity_poly.type   'polypeptide(L)'
_entity_poly.pdbx_seq_one_letter_code
;MSAPVTVKDLLSKPSAEIASFLGGIYEHSAWVAEALVKDAESLASIETISQLAAAMKAIVNKSSKDQKLELLCAHPDLCE
KVGKLEMLTVESQEEQSRSGLQSLTDAELERFNSLNGAYRDQCGFPFILAVRNATKHTVLAALGGRVQHTPEQEFMVALE
QVHKIAWMRLLSKIDTSDAQGFLTCHVLDTGNGCPAEKMRIHLHRLSPPEMAGLVGEFVTNDDGRLEGGPALKGGKEFTV
GQYEWTFFCGEYFASKGTFTSGQPFLDTIPLRFGIDNPDDHYHVPLLVSPWSFSTYRGS
;
_entity_poly.pdbx_strand_id   A,B,C,D
#
# COMPACT_ATOMS: atom_id res chain seq x y z
N VAL A 5 33.95 -14.46 -21.59
CA VAL A 5 34.48 -13.10 -21.71
C VAL A 5 33.73 -12.12 -20.80
N THR A 6 34.48 -11.45 -19.92
CA THR A 6 33.90 -10.43 -19.07
C THR A 6 33.85 -9.11 -19.82
N VAL A 7 33.18 -8.11 -19.25
CA VAL A 7 33.15 -6.80 -19.86
C VAL A 7 34.55 -6.20 -19.88
N LYS A 8 35.26 -6.33 -18.76
CA LYS A 8 36.64 -5.89 -18.64
C LYS A 8 37.51 -6.49 -19.75
N ASP A 9 37.39 -7.80 -19.90
CA ASP A 9 38.13 -8.54 -20.92
C ASP A 9 37.77 -8.06 -22.33
N LEU A 10 36.48 -8.01 -22.62
CA LEU A 10 35.99 -7.57 -23.93
C LEU A 10 36.54 -6.21 -24.35
N LEU A 11 36.31 -5.21 -23.50
CA LEU A 11 36.61 -3.83 -23.86
C LEU A 11 38.12 -3.51 -23.84
N SER A 12 38.93 -4.50 -23.45
CA SER A 12 40.38 -4.32 -23.50
C SER A 12 40.95 -4.88 -24.80
N LYS A 13 40.08 -5.41 -25.64
CA LYS A 13 40.47 -6.00 -26.92
C LYS A 13 40.47 -4.93 -28.03
N PRO A 14 41.21 -5.18 -29.12
CA PRO A 14 41.20 -4.24 -30.26
C PRO A 14 39.79 -3.94 -30.75
N SER A 15 39.57 -2.69 -31.17
CA SER A 15 38.23 -2.21 -31.50
C SER A 15 37.51 -3.06 -32.54
N ALA A 16 38.25 -3.60 -33.50
CA ALA A 16 37.64 -4.43 -34.53
C ALA A 16 37.07 -5.71 -33.93
N GLU A 17 37.73 -6.20 -32.89
CA GLU A 17 37.31 -7.43 -32.22
C GLU A 17 36.07 -7.17 -31.35
N ILE A 18 35.98 -5.98 -30.80
CA ILE A 18 34.82 -5.58 -30.00
C ILE A 18 33.60 -5.44 -30.90
N ALA A 19 33.79 -4.76 -32.02
CA ALA A 19 32.69 -4.52 -32.95
C ALA A 19 32.16 -5.85 -33.49
N SER A 20 33.06 -6.78 -33.77
CA SER A 20 32.67 -8.10 -34.26
C SER A 20 31.87 -8.84 -33.19
N PHE A 21 32.30 -8.70 -31.94
CA PHE A 21 31.64 -9.37 -30.82
C PHE A 21 30.22 -8.86 -30.63
N LEU A 22 30.03 -7.55 -30.78
CA LEU A 22 28.76 -6.91 -30.46
C LEU A 22 27.92 -6.55 -31.68
N GLY A 23 28.36 -6.98 -32.86
CA GLY A 23 27.71 -6.56 -34.10
C GLY A 23 26.29 -7.07 -34.32
N GLY A 24 25.90 -8.10 -33.57
CA GLY A 24 24.59 -8.72 -33.73
C GLY A 24 23.65 -8.49 -32.57
N ILE A 25 24.09 -7.72 -31.59
CA ILE A 25 23.26 -7.35 -30.43
C ILE A 25 21.93 -6.76 -30.89
N TYR A 26 22.01 -5.80 -31.81
CA TYR A 26 20.84 -5.33 -32.52
C TYR A 26 20.84 -5.94 -33.92
N GLU A 27 19.71 -6.50 -34.31
CA GLU A 27 19.58 -7.30 -35.52
C GLU A 27 19.96 -6.54 -36.79
N HIS A 28 20.91 -7.09 -37.53
CA HIS A 28 21.37 -6.53 -38.80
C HIS A 28 21.72 -5.06 -38.64
N SER A 29 22.31 -4.72 -37.50
CA SER A 29 22.62 -3.34 -37.18
C SER A 29 24.03 -3.21 -36.64
N ALA A 30 25.01 -3.61 -37.44
CA ALA A 30 26.41 -3.52 -37.04
C ALA A 30 26.84 -2.07 -36.83
N TRP A 31 26.09 -1.13 -37.42
CA TRP A 31 26.40 0.29 -37.28
C TRP A 31 26.37 0.75 -35.83
N VAL A 32 25.57 0.09 -34.99
CA VAL A 32 25.50 0.42 -33.58
C VAL A 32 26.85 0.16 -32.90
N ALA A 33 27.40 -1.03 -33.16
CA ALA A 33 28.68 -1.41 -32.58
C ALA A 33 29.82 -0.58 -33.15
N GLU A 34 29.66 -0.18 -34.41
CA GLU A 34 30.66 0.66 -35.06
C GLU A 34 30.75 2.02 -34.38
N ALA A 35 29.60 2.69 -34.24
CA ALA A 35 29.54 3.96 -33.53
C ALA A 35 30.11 3.84 -32.12
N LEU A 36 29.85 2.71 -31.47
CA LEU A 36 30.34 2.48 -30.11
C LEU A 36 31.87 2.49 -30.01
N VAL A 37 32.53 1.66 -30.80
CA VAL A 37 33.97 1.48 -30.68
C VAL A 37 34.81 2.65 -31.19
N LYS A 38 34.21 3.57 -31.93
CA LYS A 38 34.96 4.69 -32.48
C LYS A 38 35.04 5.89 -31.53
N ASP A 39 34.19 5.92 -30.51
CA ASP A 39 34.39 6.86 -29.41
C ASP A 39 35.16 6.13 -28.31
N ALA A 40 36.47 6.11 -28.47
CA ALA A 40 37.34 5.18 -27.74
C ALA A 40 37.57 5.52 -26.28
N GLU A 41 37.20 6.72 -25.86
CA GLU A 41 37.40 7.11 -24.47
C GLU A 41 36.08 7.22 -23.74
N SER A 42 35.01 7.39 -24.49
CA SER A 42 33.67 7.16 -23.95
C SER A 42 33.56 5.66 -23.72
N LEU A 43 34.07 4.89 -24.68
CA LEU A 43 34.17 3.44 -24.55
C LEU A 43 34.99 3.06 -23.32
N ALA A 44 36.06 3.80 -23.09
CA ALA A 44 37.01 3.48 -22.02
C ALA A 44 36.39 3.63 -20.62
N SER A 45 35.38 4.48 -20.51
CA SER A 45 34.74 4.72 -19.22
C SER A 45 33.68 3.65 -18.88
N ILE A 46 33.37 2.78 -19.83
CA ILE A 46 32.38 1.72 -19.60
C ILE A 46 32.95 0.61 -18.73
N GLU A 47 32.35 0.41 -17.56
CA GLU A 47 32.91 -0.52 -16.59
C GLU A 47 32.02 -1.74 -16.31
N THR A 48 30.74 -1.63 -16.62
CA THR A 48 29.79 -2.71 -16.31
C THR A 48 28.95 -3.08 -17.53
N ILE A 49 28.25 -4.21 -17.44
CA ILE A 49 27.41 -4.62 -18.57
C ILE A 49 26.22 -3.67 -18.69
N SER A 50 25.78 -3.11 -17.56
CA SER A 50 24.71 -2.10 -17.57
C SER A 50 25.12 -0.89 -18.40
N GLN A 51 26.32 -0.39 -18.15
CA GLN A 51 26.83 0.78 -18.87
C GLN A 51 27.02 0.49 -20.35
N LEU A 52 27.43 -0.74 -20.66
CA LEU A 52 27.62 -1.14 -22.05
C LEU A 52 26.28 -1.13 -22.78
N ALA A 53 25.27 -1.70 -22.13
CA ALA A 53 23.91 -1.72 -22.69
C ALA A 53 23.37 -0.30 -22.87
N ALA A 54 23.62 0.55 -21.88
CA ALA A 54 23.16 1.94 -21.91
C ALA A 54 23.81 2.71 -23.05
N ALA A 55 25.09 2.45 -23.26
CA ALA A 55 25.85 3.12 -24.33
C ALA A 55 25.30 2.76 -25.71
N MET A 56 25.00 1.48 -25.94
CA MET A 56 24.48 1.04 -27.22
C MET A 56 23.04 1.54 -27.42
N LYS A 57 22.27 1.51 -26.34
CA LYS A 57 20.90 2.01 -26.37
C LYS A 57 20.88 3.49 -26.76
N ALA A 58 21.81 4.26 -26.20
CA ALA A 58 21.91 5.70 -26.50
C ALA A 58 22.18 5.94 -27.97
N ILE A 59 23.08 5.16 -28.54
CA ILE A 59 23.40 5.24 -29.97
C ILE A 59 22.16 5.01 -30.82
N VAL A 60 21.39 3.99 -30.47
CA VAL A 60 20.15 3.71 -31.18
C VAL A 60 19.15 4.85 -31.04
N ASN A 61 18.94 5.28 -29.80
CA ASN A 61 17.95 6.30 -29.50
C ASN A 61 18.24 7.64 -30.19
N LYS A 62 19.51 7.92 -30.43
CA LYS A 62 19.87 9.18 -31.06
C LYS A 62 19.89 9.09 -32.60
N SER A 63 19.53 7.92 -33.13
CA SER A 63 19.54 7.72 -34.57
C SER A 63 18.25 8.26 -35.20
N SER A 64 18.22 8.36 -36.52
CA SER A 64 17.07 8.91 -37.22
C SER A 64 15.87 7.96 -37.16
N LYS A 65 14.67 8.51 -37.35
CA LYS A 65 13.46 7.70 -37.36
C LYS A 65 13.57 6.63 -38.44
N ASP A 66 14.19 6.99 -39.57
CA ASP A 66 14.38 6.06 -40.67
C ASP A 66 15.27 4.90 -40.24
N GLN A 67 16.33 5.20 -39.49
CA GLN A 67 17.22 4.18 -38.97
C GLN A 67 16.51 3.28 -37.97
N LYS A 68 15.65 3.89 -37.15
CA LYS A 68 14.91 3.14 -36.14
C LYS A 68 13.89 2.19 -36.77
N LEU A 69 13.14 2.69 -37.75
CA LEU A 69 12.14 1.87 -38.41
C LEU A 69 12.79 0.68 -39.13
N GLU A 70 13.97 0.91 -39.69
CA GLU A 70 14.71 -0.15 -40.37
C GLU A 70 15.22 -1.19 -39.37
N LEU A 71 15.57 -0.75 -38.17
CA LEU A 71 16.00 -1.67 -37.13
C LEU A 71 14.83 -2.60 -36.75
N LEU A 72 13.65 -2.01 -36.62
CA LEU A 72 12.44 -2.78 -36.32
C LEU A 72 12.13 -3.80 -37.42
N CYS A 73 12.20 -3.37 -38.67
CA CYS A 73 11.85 -4.23 -39.79
C CYS A 73 12.87 -5.34 -40.00
N ALA A 74 14.07 -5.14 -39.45
CA ALA A 74 15.12 -6.14 -39.55
C ALA A 74 14.84 -7.29 -38.59
N HIS A 75 13.93 -7.06 -37.65
CA HIS A 75 13.66 -8.07 -36.64
C HIS A 75 12.79 -9.19 -37.20
N PRO A 76 13.13 -10.43 -36.85
CA PRO A 76 12.42 -11.64 -37.33
C PRO A 76 10.97 -11.68 -36.87
N ASP A 77 10.09 -12.09 -37.76
CA ASP A 77 8.66 -12.26 -37.44
C ASP A 77 8.46 -13.58 -36.71
N LEU A 78 7.86 -13.53 -35.52
CA LEU A 78 7.74 -14.74 -34.70
C LEU A 78 6.56 -15.62 -35.16
N CYS A 79 6.20 -15.50 -36.43
CA CYS A 79 5.17 -16.35 -37.02
C CYS A 79 5.79 -17.55 -37.72
N GLN A 102 4.19 -23.89 -31.29
CA GLN A 102 4.29 -24.54 -29.99
C GLN A 102 2.99 -25.27 -29.62
N SER A 103 2.44 -24.94 -28.45
CA SER A 103 1.27 -25.67 -27.93
C SER A 103 -0.06 -25.06 -28.34
N LEU A 104 -0.04 -24.22 -29.38
CA LEU A 104 -1.26 -23.58 -29.86
C LEU A 104 -2.22 -24.59 -30.49
N THR A 105 -3.51 -24.45 -30.19
CA THR A 105 -4.53 -25.24 -30.86
C THR A 105 -4.72 -24.73 -32.28
N ASP A 106 -5.52 -25.42 -33.08
CA ASP A 106 -5.76 -24.96 -34.44
C ASP A 106 -6.48 -23.62 -34.46
N ALA A 107 -7.45 -23.45 -33.57
CA ALA A 107 -8.15 -22.17 -33.44
C ALA A 107 -7.19 -21.05 -33.01
N GLU A 108 -6.36 -21.35 -32.01
CA GLU A 108 -5.39 -20.38 -31.51
C GLU A 108 -4.35 -20.02 -32.57
N LEU A 109 -3.97 -21.00 -33.36
CA LEU A 109 -2.96 -20.76 -34.40
C LEU A 109 -3.51 -19.83 -35.47
N GLU A 110 -4.78 -20.02 -35.83
CA GLU A 110 -5.43 -19.15 -36.80
C GLU A 110 -5.57 -17.73 -36.26
N ARG A 111 -5.95 -17.63 -34.98
CA ARG A 111 -6.08 -16.33 -34.34
C ARG A 111 -4.72 -15.63 -34.28
N PHE A 112 -3.66 -16.40 -34.04
CA PHE A 112 -2.32 -15.83 -34.04
C PHE A 112 -1.94 -15.23 -35.38
N ASN A 113 -2.03 -16.05 -36.42
CA ASN A 113 -1.70 -15.62 -37.77
C ASN A 113 -2.51 -14.40 -38.19
N SER A 114 -3.80 -14.40 -37.85
CA SER A 114 -4.67 -13.29 -38.16
C SER A 114 -4.22 -12.00 -37.48
N LEU A 115 -4.04 -12.05 -36.16
CA LEU A 115 -3.56 -10.89 -35.42
C LEU A 115 -2.20 -10.41 -35.90
N ASN A 116 -1.30 -11.36 -36.15
CA ASN A 116 0.07 -11.02 -36.51
C ASN A 116 0.11 -10.38 -37.89
N GLY A 117 -0.74 -10.86 -38.78
CA GLY A 117 -0.91 -10.26 -40.09
C GLY A 117 -1.46 -8.84 -39.98
N ALA A 118 -2.53 -8.67 -39.22
CA ALA A 118 -3.13 -7.36 -39.01
C ALA A 118 -2.12 -6.37 -38.43
N TYR A 119 -1.43 -6.77 -37.37
CA TYR A 119 -0.46 -5.90 -36.71
C TYR A 119 0.55 -5.31 -37.70
N ARG A 120 1.19 -6.17 -38.47
CA ARG A 120 2.21 -5.71 -39.39
C ARG A 120 1.62 -4.82 -40.48
N ASP A 121 0.39 -5.14 -40.91
CA ASP A 121 -0.32 -4.36 -41.90
C ASP A 121 -0.48 -2.91 -41.48
N GLN A 122 -0.91 -2.72 -40.24
CA GLN A 122 -1.29 -1.38 -39.79
C GLN A 122 -0.11 -0.61 -39.20
N CYS A 123 0.94 -1.32 -38.77
CA CYS A 123 2.08 -0.68 -38.13
C CYS A 123 3.28 -0.40 -39.04
N GLY A 124 3.47 -1.24 -40.06
CA GLY A 124 4.58 -1.07 -40.97
C GLY A 124 5.85 -1.75 -40.49
N PHE A 125 5.75 -2.42 -39.35
CA PHE A 125 6.86 -3.21 -38.80
C PHE A 125 6.29 -4.44 -38.10
N PRO A 126 7.11 -5.49 -37.92
CA PRO A 126 6.59 -6.73 -37.33
C PRO A 126 6.29 -6.64 -35.84
N PHE A 127 5.43 -7.53 -35.36
CA PHE A 127 5.14 -7.64 -33.94
C PHE A 127 6.36 -8.16 -33.22
N ILE A 128 6.85 -7.39 -32.26
CA ILE A 128 8.02 -7.76 -31.50
C ILE A 128 7.68 -7.89 -30.02
N LEU A 129 8.11 -8.98 -29.41
CA LEU A 129 7.84 -9.25 -28.00
C LEU A 129 9.05 -9.87 -27.31
N ALA A 130 9.57 -9.17 -26.29
CA ALA A 130 10.71 -9.67 -25.54
C ALA A 130 10.27 -10.24 -24.19
N VAL A 131 10.04 -11.55 -24.16
CA VAL A 131 9.66 -12.21 -22.92
C VAL A 131 10.50 -13.46 -22.71
N ARG A 132 10.97 -13.66 -21.49
CA ARG A 132 11.72 -14.87 -21.14
C ARG A 132 10.78 -16.06 -20.95
N ASN A 133 10.94 -17.06 -21.81
CA ASN A 133 10.12 -18.27 -21.78
C ASN A 133 8.63 -17.94 -21.78
N ALA A 134 8.18 -17.28 -22.84
CA ALA A 134 6.80 -16.83 -22.94
C ALA A 134 5.86 -18.00 -23.17
N THR A 135 4.73 -17.99 -22.47
CA THR A 135 3.66 -18.95 -22.73
C THR A 135 2.88 -18.46 -23.94
N LYS A 136 2.08 -19.33 -24.52
CA LYS A 136 1.21 -18.93 -25.63
C LYS A 136 0.20 -17.89 -25.13
N HIS A 137 -0.18 -18.00 -23.87
CA HIS A 137 -1.13 -17.06 -23.29
C HIS A 137 -0.56 -15.64 -23.34
N THR A 138 0.70 -15.49 -22.96
CA THR A 138 1.40 -14.20 -23.01
C THR A 138 1.43 -13.62 -24.42
N VAL A 139 1.84 -14.44 -25.39
CA VAL A 139 1.94 -13.99 -26.78
C VAL A 139 0.58 -13.54 -27.34
N LEU A 140 -0.44 -14.38 -27.14
CA LEU A 140 -1.77 -14.06 -27.66
C LEU A 140 -2.37 -12.84 -26.96
N ALA A 141 -2.15 -12.72 -25.66
CA ALA A 141 -2.64 -11.57 -24.91
C ALA A 141 -1.97 -10.28 -25.38
N ALA A 142 -0.68 -10.36 -25.64
CA ALA A 142 0.09 -9.20 -26.10
C ALA A 142 -0.37 -8.76 -27.48
N LEU A 143 -0.43 -9.71 -28.41
CA LEU A 143 -0.91 -9.45 -29.76
C LEU A 143 -2.33 -8.92 -29.76
N GLY A 144 -3.19 -9.57 -28.96
CA GLY A 144 -4.59 -9.19 -28.90
C GLY A 144 -4.79 -7.77 -28.44
N GLY A 145 -3.94 -7.33 -27.51
CA GLY A 145 -4.04 -5.99 -26.96
C GLY A 145 -3.40 -4.94 -27.85
N ARG A 146 -2.15 -5.20 -28.26
CA ARG A 146 -1.37 -4.20 -28.98
C ARG A 146 -1.85 -3.99 -30.42
N VAL A 147 -2.67 -4.90 -30.94
CA VAL A 147 -3.20 -4.69 -32.28
C VAL A 147 -4.26 -3.59 -32.24
N GLN A 148 -4.73 -3.25 -31.04
CA GLN A 148 -5.73 -2.17 -30.88
C GLN A 148 -5.09 -0.79 -30.70
N HIS A 149 -3.76 -0.75 -30.64
CA HIS A 149 -3.05 0.51 -30.45
C HIS A 149 -2.74 1.23 -31.75
N THR A 150 -2.47 2.53 -31.64
CA THR A 150 -2.03 3.34 -32.77
C THR A 150 -0.61 2.96 -33.19
N PRO A 151 -0.25 3.23 -34.46
CA PRO A 151 1.12 2.90 -34.88
C PRO A 151 2.19 3.68 -34.11
N GLU A 152 1.90 4.91 -33.68
CA GLU A 152 2.91 5.71 -32.99
C GLU A 152 3.12 5.21 -31.56
N GLN A 153 2.06 4.69 -30.94
CA GLN A 153 2.24 4.07 -29.63
C GLN A 153 3.05 2.79 -29.79
N GLU A 154 2.70 2.00 -30.81
CA GLU A 154 3.38 0.72 -31.02
C GLU A 154 4.82 0.88 -31.47
N PHE A 155 5.13 1.99 -32.12
CA PHE A 155 6.51 2.28 -32.52
C PHE A 155 7.39 2.40 -31.27
N MET A 156 6.88 3.09 -30.26
CA MET A 156 7.55 3.21 -28.96
C MET A 156 7.67 1.87 -28.24
N VAL A 157 6.58 1.10 -28.24
CA VAL A 157 6.57 -0.19 -27.57
C VAL A 157 7.55 -1.15 -28.24
N ALA A 158 7.56 -1.16 -29.57
CA ALA A 158 8.44 -2.05 -30.31
C ALA A 158 9.91 -1.74 -30.01
N LEU A 159 10.24 -0.45 -29.96
CA LEU A 159 11.60 -0.03 -29.68
C LEU A 159 12.02 -0.44 -28.26
N GLU A 160 11.08 -0.37 -27.32
CA GLU A 160 11.34 -0.84 -25.96
C GLU A 160 11.64 -2.34 -25.99
N GLN A 161 10.89 -3.09 -26.80
CA GLN A 161 11.09 -4.53 -26.93
C GLN A 161 12.47 -4.86 -27.53
N VAL A 162 12.92 -4.12 -28.53
CA VAL A 162 14.21 -4.47 -29.14
C VAL A 162 15.36 -4.19 -28.17
N HIS A 163 15.23 -3.16 -27.33
CA HIS A 163 16.26 -2.90 -26.32
C HIS A 163 16.30 -4.01 -25.30
N LYS A 164 15.12 -4.56 -24.99
CA LYS A 164 15.04 -5.65 -24.03
C LYS A 164 15.69 -6.90 -24.61
N ILE A 165 15.53 -7.09 -25.92
CA ILE A 165 16.15 -8.23 -26.59
C ILE A 165 17.66 -8.06 -26.66
N ALA A 166 18.11 -6.82 -26.87
CA ALA A 166 19.53 -6.51 -26.90
C ALA A 166 20.17 -6.86 -25.55
N TRP A 167 19.46 -6.51 -24.47
CA TRP A 167 19.91 -6.79 -23.12
C TRP A 167 20.03 -8.29 -22.89
N MET A 168 19.05 -9.05 -23.38
CA MET A 168 19.07 -10.51 -23.25
C MET A 168 20.26 -11.12 -23.99
N ARG A 169 20.58 -10.56 -25.16
CA ARG A 169 21.69 -11.10 -25.94
C ARG A 169 23.04 -10.77 -25.31
N LEU A 170 23.16 -9.55 -24.77
CA LEU A 170 24.38 -9.15 -24.06
C LEU A 170 24.64 -10.05 -22.86
N LEU A 171 23.58 -10.37 -22.12
CA LEU A 171 23.69 -11.22 -20.94
C LEU A 171 24.16 -12.63 -21.28
N SER A 172 23.77 -13.13 -22.44
CA SER A 172 24.08 -14.50 -22.83
C SER A 172 25.49 -14.61 -23.40
N LYS A 173 26.02 -13.51 -23.92
CA LYS A 173 27.35 -13.51 -24.52
C LYS A 173 28.44 -13.12 -23.54
N ILE A 174 28.07 -12.42 -22.47
CA ILE A 174 29.04 -11.87 -21.54
C ILE A 174 29.02 -12.60 -20.20
N ASP A 175 30.21 -12.91 -19.68
CA ASP A 175 30.35 -13.55 -18.37
C ASP A 175 30.13 -12.52 -17.26
N THR A 176 29.00 -12.63 -16.56
CA THR A 176 28.64 -11.65 -15.55
C THR A 176 28.93 -12.14 -14.14
N SER A 177 29.81 -13.14 -14.01
CA SER A 177 30.10 -13.71 -12.70
C SER A 177 30.81 -12.71 -11.79
N ASP A 178 31.34 -11.64 -12.38
CA ASP A 178 32.03 -10.60 -11.61
C ASP A 178 31.15 -9.38 -11.35
N ALA A 179 29.87 -9.47 -11.70
CA ALA A 179 28.92 -8.41 -11.38
C ALA A 179 28.83 -8.25 -9.87
N GLN A 180 28.42 -7.07 -9.41
CA GLN A 180 28.48 -6.81 -7.97
C GLN A 180 27.13 -6.36 -7.39
N GLY A 181 26.04 -6.74 -8.05
CA GLY A 181 24.72 -6.43 -7.53
C GLY A 181 24.41 -7.30 -6.32
N PHE A 182 23.32 -6.99 -5.63
CA PHE A 182 22.93 -7.80 -4.47
C PHE A 182 21.47 -7.59 -4.10
N LEU A 183 20.98 -8.49 -3.26
CA LEU A 183 19.57 -8.53 -2.87
C LEU A 183 19.42 -8.37 -1.35
N THR A 184 18.63 -7.38 -0.94
CA THR A 184 18.35 -7.18 0.47
C THR A 184 16.85 -7.22 0.73
N CYS A 185 16.50 -7.30 2.01
CA CYS A 185 15.12 -7.38 2.43
C CYS A 185 14.92 -6.62 3.74
N HIS A 186 13.72 -6.09 3.92
CA HIS A 186 13.33 -5.41 5.13
C HIS A 186 11.88 -5.78 5.41
N VAL A 187 11.54 -6.05 6.67
CA VAL A 187 10.15 -6.32 7.01
C VAL A 187 9.65 -5.28 8.01
N LEU A 188 8.54 -4.64 7.67
CA LEU A 188 7.93 -3.65 8.54
C LEU A 188 6.53 -4.07 8.97
N ASP A 189 6.30 -4.08 10.28
CA ASP A 189 5.00 -4.39 10.88
C ASP A 189 4.16 -3.11 10.90
N THR A 190 3.21 -2.99 9.97
CA THR A 190 2.45 -1.75 9.86
C THR A 190 1.30 -1.67 10.87
N GLY A 191 1.03 -2.79 11.54
CA GLY A 191 0.02 -2.81 12.58
C GLY A 191 0.54 -2.20 13.86
N ASN A 192 1.85 -2.37 14.09
CA ASN A 192 2.50 -1.89 15.31
C ASN A 192 3.50 -0.76 15.08
N GLY A 193 3.85 -0.51 13.81
CA GLY A 193 4.73 0.60 13.47
C GLY A 193 6.20 0.39 13.83
N CYS A 194 6.63 -0.86 13.75
CA CYS A 194 7.98 -1.23 14.15
C CYS A 194 8.57 -2.21 13.14
N PRO A 195 9.92 -2.27 13.06
CA PRO A 195 10.52 -3.36 12.30
C PRO A 195 10.08 -4.70 12.86
N ALA A 196 9.97 -5.72 12.01
CA ALA A 196 9.54 -7.03 12.48
C ALA A 196 10.74 -7.91 12.80
N GLU A 197 11.05 -8.07 14.08
CA GLU A 197 12.25 -8.80 14.47
C GLU A 197 12.00 -10.30 14.65
N LYS A 198 13.02 -11.09 14.35
CA LYS A 198 13.02 -12.54 14.53
C LYS A 198 12.02 -13.28 13.63
N MET A 199 11.72 -12.72 12.46
CA MET A 199 10.85 -13.42 11.50
C MET A 199 11.69 -14.32 10.61
N ARG A 200 11.29 -15.59 10.48
CA ARG A 200 11.96 -16.51 9.56
C ARG A 200 11.58 -16.18 8.13
N ILE A 201 12.57 -16.24 7.25
CA ILE A 201 12.38 -15.92 5.84
C ILE A 201 13.19 -16.88 4.99
N HIS A 202 12.54 -17.59 4.07
CA HIS A 202 13.25 -18.44 3.13
C HIS A 202 13.26 -17.80 1.74
N LEU A 203 14.24 -18.21 0.93
CA LEU A 203 14.38 -17.72 -0.43
C LEU A 203 14.68 -18.89 -1.38
N HIS A 204 13.84 -19.04 -2.40
CA HIS A 204 14.07 -20.03 -3.46
C HIS A 204 14.32 -19.33 -4.79
N ARG A 205 15.15 -19.95 -5.63
CA ARG A 205 15.20 -19.59 -7.04
C ARG A 205 14.29 -20.52 -7.83
N LEU A 206 13.38 -19.95 -8.60
CA LEU A 206 12.40 -20.76 -9.33
C LEU A 206 12.83 -21.00 -10.77
N SER A 207 13.58 -20.07 -11.32
CA SER A 207 14.04 -20.18 -12.71
C SER A 207 15.31 -19.33 -12.90
N PRO A 208 16.16 -19.69 -13.87
CA PRO A 208 16.04 -20.84 -14.78
C PRO A 208 16.20 -22.18 -14.05
N PRO A 209 15.51 -23.22 -14.51
CA PRO A 209 15.44 -24.51 -13.83
C PRO A 209 16.80 -25.10 -13.45
N GLU A 210 17.85 -24.77 -14.19
CA GLU A 210 19.18 -25.30 -13.92
C GLU A 210 19.74 -24.84 -12.57
N MET A 211 19.31 -23.67 -12.12
CA MET A 211 19.84 -23.10 -10.87
C MET A 211 18.78 -23.03 -9.78
N ALA A 212 17.64 -23.65 -10.03
CA ALA A 212 16.51 -23.60 -9.11
C ALA A 212 16.82 -24.33 -7.79
N GLY A 213 16.12 -23.94 -6.73
CA GLY A 213 16.27 -24.57 -5.43
C GLY A 213 16.33 -23.59 -4.28
N LEU A 214 16.42 -24.11 -3.07
CA LEU A 214 16.60 -23.29 -1.88
C LEU A 214 17.94 -22.57 -1.93
N VAL A 215 17.92 -21.25 -1.82
CA VAL A 215 19.18 -20.51 -1.88
C VAL A 215 19.48 -19.80 -0.56
N GLY A 216 18.64 -20.03 0.45
CA GLY A 216 18.93 -19.52 1.78
C GLY A 216 17.78 -19.51 2.76
N GLU A 217 18.12 -19.65 4.04
CA GLU A 217 17.17 -19.46 5.13
C GLU A 217 17.67 -18.32 6.00
N PHE A 218 16.79 -17.38 6.32
CA PHE A 218 17.20 -16.18 7.04
C PHE A 218 16.29 -15.86 8.21
N VAL A 219 16.73 -14.93 9.05
CA VAL A 219 15.94 -14.39 10.15
C VAL A 219 16.16 -12.88 10.19
N THR A 220 15.12 -12.12 10.55
CA THR A 220 15.29 -10.67 10.66
C THR A 220 15.92 -10.29 12.00
N ASN A 221 16.70 -9.21 11.99
CA ASN A 221 17.28 -8.67 13.21
C ASN A 221 16.35 -7.64 13.83
N ASP A 222 16.83 -6.94 14.86
CA ASP A 222 16.03 -5.93 15.56
C ASP A 222 15.68 -4.74 14.68
N ASP A 223 16.37 -4.62 13.56
CA ASP A 223 16.14 -3.53 12.61
C ASP A 223 15.17 -3.99 11.51
N GLY A 224 14.79 -5.25 11.54
CA GLY A 224 13.85 -5.80 10.58
C GLY A 224 14.52 -6.18 9.27
N ARG A 225 15.85 -6.17 9.28
CA ARG A 225 16.63 -6.50 8.11
C ARG A 225 17.20 -7.89 8.27
N LEU A 226 17.76 -8.46 7.19
CA LEU A 226 18.26 -9.82 7.27
C LEU A 226 19.52 -9.89 8.13
N GLU A 227 19.52 -10.80 9.09
CA GLU A 227 20.73 -11.05 9.87
C GLU A 227 21.81 -11.59 8.94
N GLY A 228 22.98 -10.93 8.94
CA GLY A 228 24.07 -11.36 8.09
C GLY A 228 24.14 -10.62 6.77
N GLY A 229 23.27 -9.64 6.58
CA GLY A 229 23.31 -8.81 5.40
C GLY A 229 22.51 -9.36 4.22
N PRO A 230 22.92 -9.00 2.99
CA PRO A 230 22.20 -9.36 1.77
C PRO A 230 21.99 -10.86 1.62
N ALA A 231 20.84 -11.23 1.07
CA ALA A 231 20.50 -12.63 0.86
C ALA A 231 21.35 -13.23 -0.25
N LEU A 232 21.61 -12.43 -1.28
CA LEU A 232 22.43 -12.85 -2.40
C LEU A 232 23.40 -11.72 -2.74
N LYS A 233 24.62 -12.06 -3.13
CA LYS A 233 25.63 -11.05 -3.44
C LYS A 233 26.58 -11.50 -4.55
N GLY A 234 26.67 -10.69 -5.60
CA GLY A 234 27.67 -10.92 -6.63
C GLY A 234 27.24 -11.86 -7.74
N GLY A 235 27.98 -11.84 -8.84
CA GLY A 235 27.57 -12.49 -10.07
C GLY A 235 27.43 -14.00 -10.02
N LYS A 236 27.88 -14.64 -8.96
CA LYS A 236 27.74 -16.10 -8.87
C LYS A 236 26.43 -16.55 -8.21
N GLU A 237 25.83 -15.71 -7.37
CA GLU A 237 24.57 -16.09 -6.74
C GLU A 237 23.45 -15.09 -7.01
N PHE A 238 23.77 -13.81 -7.12
CA PHE A 238 22.77 -12.81 -7.51
C PHE A 238 22.65 -12.83 -9.03
N THR A 239 21.85 -13.76 -9.54
CA THR A 239 21.77 -14.00 -10.98
C THR A 239 20.37 -13.72 -11.53
N VAL A 240 20.30 -13.33 -12.80
CA VAL A 240 19.03 -13.10 -13.48
C VAL A 240 18.14 -14.33 -13.38
N GLY A 241 16.87 -14.13 -13.03
CA GLY A 241 15.92 -15.22 -12.93
C GLY A 241 14.72 -14.90 -12.07
N GLN A 242 13.90 -15.90 -11.80
CA GLN A 242 12.73 -15.71 -10.97
C GLN A 242 12.97 -16.30 -9.58
N TYR A 243 12.56 -15.56 -8.56
CA TYR A 243 12.75 -15.97 -7.17
C TYR A 243 11.44 -15.95 -6.37
N GLU A 244 11.46 -16.56 -5.19
CA GLU A 244 10.33 -16.46 -4.27
C GLU A 244 10.79 -16.40 -2.81
N TRP A 245 10.43 -15.33 -2.12
CA TRP A 245 10.55 -15.28 -0.66
C TRP A 245 9.44 -16.13 -0.07
N THR A 246 9.69 -16.64 1.13
CA THR A 246 8.62 -17.17 1.97
C THR A 246 8.74 -16.47 3.32
N PHE A 247 7.76 -15.64 3.64
CA PHE A 247 7.73 -14.94 4.92
C PHE A 247 6.85 -15.68 5.91
N PHE A 248 7.42 -16.09 7.04
CA PHE A 248 6.63 -16.81 8.03
C PHE A 248 6.03 -15.84 9.04
N CYS A 249 5.01 -15.11 8.60
CA CYS A 249 4.46 -14.02 9.39
C CYS A 249 3.58 -14.50 10.54
N GLY A 250 2.99 -15.67 10.37
CA GLY A 250 2.17 -16.25 11.43
C GLY A 250 2.93 -16.43 12.73
N GLU A 251 4.15 -16.96 12.63
CA GLU A 251 5.01 -17.11 13.80
C GLU A 251 5.34 -15.75 14.44
N TYR A 252 5.57 -14.74 13.59
CA TYR A 252 5.89 -13.41 14.11
C TYR A 252 4.70 -12.81 14.86
N PHE A 253 3.50 -12.88 14.27
CA PHE A 253 2.34 -12.31 14.96
C PHE A 253 2.06 -13.04 16.28
N ALA A 254 2.30 -14.35 16.30
CA ALA A 254 2.08 -15.14 17.51
C ALA A 254 3.07 -14.75 18.62
N SER A 255 4.28 -14.33 18.22
CA SER A 255 5.30 -13.94 19.19
C SER A 255 4.93 -12.62 19.87
N LYS A 256 4.07 -11.85 19.21
CA LYS A 256 3.66 -10.56 19.74
C LYS A 256 2.34 -10.67 20.50
N GLY A 257 1.68 -11.80 20.38
CA GLY A 257 0.35 -11.96 20.92
C GLY A 257 -0.67 -11.17 20.12
N THR A 258 -0.30 -10.75 18.91
CA THR A 258 -1.21 -10.00 18.05
C THR A 258 -2.43 -10.84 17.68
N PHE A 259 -3.61 -10.25 17.75
CA PHE A 259 -4.81 -11.00 17.42
C PHE A 259 -4.81 -11.40 15.96
N THR A 260 -5.00 -12.69 15.73
CA THR A 260 -5.22 -13.25 14.40
C THR A 260 -6.39 -14.23 14.48
N SER A 261 -7.01 -14.50 13.34
CA SER A 261 -8.11 -15.46 13.30
C SER A 261 -7.57 -16.88 13.54
N GLY A 262 -8.43 -17.75 14.06
CA GLY A 262 -8.07 -19.14 14.32
C GLY A 262 -7.42 -19.76 13.10
N GLN A 263 -8.07 -19.61 11.96
CA GLN A 263 -7.44 -19.80 10.66
C GLN A 263 -6.97 -18.42 10.22
N PRO A 264 -5.68 -18.11 10.39
CA PRO A 264 -5.24 -16.73 10.16
C PRO A 264 -5.44 -16.30 8.71
N PHE A 265 -5.86 -15.06 8.51
CA PHE A 265 -6.01 -14.53 7.17
C PHE A 265 -4.67 -14.57 6.45
N LEU A 266 -3.63 -14.10 7.14
CA LEU A 266 -2.25 -14.16 6.66
C LEU A 266 -1.38 -14.89 7.66
N ASP A 267 -0.66 -15.92 7.22
CA ASP A 267 0.38 -16.50 8.07
C ASP A 267 1.66 -16.64 7.26
N THR A 268 1.69 -17.60 6.33
CA THR A 268 2.85 -17.76 5.47
C THR A 268 2.62 -17.01 4.15
N ILE A 269 3.52 -16.07 3.82
CA ILE A 269 3.35 -15.23 2.64
C ILE A 269 4.43 -15.50 1.60
N PRO A 270 4.02 -15.98 0.41
CA PRO A 270 4.96 -16.10 -0.70
C PRO A 270 5.09 -14.75 -1.43
N LEU A 271 6.30 -14.41 -1.86
CA LEU A 271 6.53 -13.20 -2.63
C LEU A 271 7.39 -13.53 -3.83
N ARG A 272 6.74 -13.68 -4.98
CA ARG A 272 7.38 -14.10 -6.22
C ARG A 272 7.83 -12.86 -7.01
N PHE A 273 9.09 -12.87 -7.46
CA PHE A 273 9.65 -11.72 -8.17
C PHE A 273 10.83 -12.07 -9.09
N GLY A 274 11.09 -11.19 -10.06
CA GLY A 274 12.15 -11.40 -11.02
C GLY A 274 13.29 -10.44 -10.82
N ILE A 275 14.51 -10.93 -11.06
CA ILE A 275 15.71 -10.10 -11.09
C ILE A 275 16.22 -10.00 -12.52
N ASP A 276 16.36 -8.79 -13.03
CA ASP A 276 16.67 -8.58 -14.45
C ASP A 276 18.11 -8.10 -14.70
N ASN A 277 18.77 -7.56 -13.68
CA ASN A 277 20.09 -6.94 -13.88
C ASN A 277 21.05 -7.26 -12.74
N PRO A 278 22.09 -8.06 -13.03
CA PRO A 278 23.03 -8.54 -12.01
C PRO A 278 23.94 -7.44 -11.43
N ASP A 279 23.95 -6.26 -12.05
CA ASP A 279 24.69 -5.10 -11.54
C ASP A 279 23.96 -4.37 -10.41
N ASP A 280 22.64 -4.51 -10.38
CA ASP A 280 21.81 -3.64 -9.54
C ASP A 280 21.65 -4.11 -8.11
N HIS A 281 21.38 -3.15 -7.23
CA HIS A 281 20.92 -3.44 -5.87
C HIS A 281 19.39 -3.56 -5.89
N TYR A 282 18.90 -4.77 -5.63
CA TYR A 282 17.47 -5.00 -5.52
C TYR A 282 17.09 -5.03 -4.05
N HIS A 283 16.17 -4.16 -3.65
CA HIS A 283 15.64 -4.20 -2.29
C HIS A 283 14.16 -4.59 -2.38
N VAL A 284 13.83 -5.80 -1.93
CA VAL A 284 12.47 -6.29 -2.05
C VAL A 284 11.91 -6.58 -0.67
N PRO A 285 11.30 -5.56 -0.03
CA PRO A 285 10.81 -5.62 1.33
C PRO A 285 9.37 -6.13 1.45
N LEU A 286 8.92 -6.31 2.69
CA LEU A 286 7.55 -6.66 2.98
C LEU A 286 6.95 -5.66 3.99
N LEU A 287 5.83 -5.05 3.64
CA LEU A 287 5.03 -4.26 4.57
C LEU A 287 3.87 -5.13 4.99
N VAL A 288 3.70 -5.40 6.28
CA VAL A 288 2.70 -6.40 6.66
C VAL A 288 1.96 -6.13 7.98
N SER A 289 0.67 -6.46 7.99
CA SER A 289 -0.12 -6.54 9.21
C SER A 289 -0.83 -7.90 9.15
N PRO A 290 -1.57 -8.30 10.19
CA PRO A 290 -2.29 -9.57 10.02
C PRO A 290 -3.34 -9.55 8.91
N TRP A 291 -3.66 -8.35 8.41
CA TRP A 291 -4.82 -8.19 7.52
C TRP A 291 -4.46 -7.54 6.19
N SER A 292 -3.18 -7.32 5.95
CA SER A 292 -2.76 -6.65 4.73
C SER A 292 -1.28 -6.84 4.48
N PHE A 293 -0.87 -6.76 3.22
CA PHE A 293 0.55 -6.68 2.95
C PHE A 293 0.82 -6.05 1.60
N SER A 294 2.04 -5.56 1.45
CA SER A 294 2.45 -4.92 0.20
C SER A 294 3.96 -5.03 0.01
N THR A 295 4.38 -4.85 -1.22
CA THR A 295 5.79 -4.86 -1.55
C THR A 295 6.01 -3.98 -2.77
N TYR A 296 7.28 -3.74 -3.07
CA TYR A 296 7.65 -2.93 -4.22
C TYR A 296 9.10 -3.21 -4.61
N ARG A 297 9.47 -2.79 -5.82
CA ARG A 297 10.86 -2.88 -6.28
C ARG A 297 11.65 -1.69 -5.73
N GLY A 298 12.46 -1.94 -4.69
CA GLY A 298 13.27 -0.89 -4.12
C GLY A 298 14.72 -0.93 -4.55
N SER A 299 15.50 0.02 -4.07
CA SER A 299 16.92 0.12 -4.39
C SER A 299 17.70 0.74 -3.25
N VAL B 5 -24.79 24.80 -23.55
CA VAL B 5 -25.28 23.81 -24.50
C VAL B 5 -25.01 22.38 -24.00
N THR B 6 -26.08 21.63 -23.72
CA THR B 6 -25.92 20.26 -23.27
C THR B 6 -25.62 19.35 -24.45
N VAL B 7 -25.12 18.16 -24.17
CA VAL B 7 -24.80 17.20 -25.23
C VAL B 7 -26.05 16.79 -26.00
N LYS B 8 -27.13 16.47 -25.30
CA LYS B 8 -28.38 16.10 -25.96
C LYS B 8 -28.88 17.21 -26.87
N ASP B 9 -28.84 18.44 -26.36
CA ASP B 9 -29.34 19.58 -27.11
C ASP B 9 -28.46 19.89 -28.33
N LEU B 10 -27.16 19.79 -28.17
CA LEU B 10 -26.22 20.04 -29.27
C LEU B 10 -26.35 19.02 -30.40
N LEU B 11 -26.44 17.74 -30.03
CA LEU B 11 -26.46 16.67 -31.02
C LEU B 11 -27.82 16.54 -31.71
N SER B 12 -28.75 17.41 -31.34
CA SER B 12 -30.06 17.45 -31.99
C SER B 12 -30.11 18.58 -33.03
N LYS B 13 -29.09 19.42 -33.02
CA LYS B 13 -29.02 20.55 -33.94
C LYS B 13 -28.59 20.07 -35.33
N PRO B 14 -28.83 20.87 -36.37
CA PRO B 14 -28.39 20.52 -37.73
C PRO B 14 -26.88 20.23 -37.77
N SER B 15 -26.48 19.26 -38.59
CA SER B 15 -25.11 18.74 -38.56
C SER B 15 -24.05 19.81 -38.85
N ALA B 16 -24.37 20.77 -39.72
CA ALA B 16 -23.44 21.85 -40.02
C ALA B 16 -23.29 22.78 -38.82
N GLU B 17 -24.36 22.90 -38.03
CA GLU B 17 -24.30 23.67 -36.80
C GLU B 17 -23.35 22.96 -35.85
N ILE B 18 -23.49 21.64 -35.76
CA ILE B 18 -22.69 20.82 -34.84
C ILE B 18 -21.21 20.85 -35.21
N ALA B 19 -20.91 20.71 -36.49
CA ALA B 19 -19.53 20.70 -36.95
C ALA B 19 -18.86 22.05 -36.74
N SER B 20 -19.66 23.12 -36.81
CA SER B 20 -19.16 24.46 -36.56
C SER B 20 -18.84 24.64 -35.07
N PHE B 21 -19.74 24.17 -34.22
CA PHE B 21 -19.59 24.27 -32.77
C PHE B 21 -18.36 23.50 -32.27
N LEU B 22 -18.00 22.43 -32.96
CA LEU B 22 -16.90 21.57 -32.52
C LEU B 22 -15.65 21.68 -33.38
N GLY B 23 -15.68 22.58 -34.37
CA GLY B 23 -14.61 22.70 -35.33
C GLY B 23 -13.28 23.19 -34.77
N GLY B 24 -13.30 23.75 -33.57
CA GLY B 24 -12.10 24.29 -32.95
C GLY B 24 -11.61 23.48 -31.76
N ILE B 25 -12.26 22.36 -31.48
CA ILE B 25 -11.87 21.47 -30.38
C ILE B 25 -10.42 21.02 -30.55
N TYR B 26 -10.09 20.63 -31.78
CA TYR B 26 -8.71 20.47 -32.21
C TYR B 26 -8.37 21.67 -33.10
N GLU B 27 -7.35 22.42 -32.70
CA GLU B 27 -7.00 23.70 -33.35
C GLU B 27 -6.79 23.55 -34.87
N HIS B 28 -7.45 24.42 -35.63
CA HIS B 28 -7.36 24.44 -37.09
C HIS B 28 -7.69 23.08 -37.71
N SER B 29 -8.59 22.33 -37.07
CA SER B 29 -8.88 20.98 -37.52
C SER B 29 -10.38 20.70 -37.52
N ALA B 30 -11.11 21.46 -38.33
CA ALA B 30 -12.55 21.28 -38.43
C ALA B 30 -12.89 19.95 -39.07
N TRP B 31 -11.90 19.34 -39.73
CA TRP B 31 -12.11 18.06 -40.41
C TRP B 31 -12.48 16.94 -39.42
N VAL B 32 -12.04 17.07 -38.18
CA VAL B 32 -12.40 16.09 -37.17
C VAL B 32 -13.90 16.10 -36.93
N ALA B 33 -14.44 17.30 -36.69
CA ALA B 33 -15.87 17.47 -36.47
C ALA B 33 -16.68 17.10 -37.72
N GLU B 34 -16.16 17.43 -38.90
CA GLU B 34 -16.83 17.09 -40.14
C GLU B 34 -16.94 15.58 -40.27
N ALA B 35 -15.86 14.88 -39.96
CA ALA B 35 -15.87 13.43 -39.95
C ALA B 35 -16.89 12.91 -38.93
N LEU B 36 -17.04 13.62 -37.83
CA LEU B 36 -17.92 13.20 -36.74
C LEU B 36 -19.40 13.21 -37.14
N VAL B 37 -19.86 14.34 -37.65
CA VAL B 37 -21.27 14.51 -37.98
C VAL B 37 -21.65 13.82 -39.29
N LYS B 38 -20.65 13.34 -40.02
CA LYS B 38 -20.90 12.69 -41.30
C LYS B 38 -21.65 11.37 -41.11
N ASP B 39 -21.39 10.71 -39.98
CA ASP B 39 -22.14 9.51 -39.61
C ASP B 39 -23.23 9.87 -38.61
N ALA B 40 -24.44 10.07 -39.11
CA ALA B 40 -25.54 10.61 -38.30
C ALA B 40 -26.10 9.63 -37.29
N GLU B 41 -25.83 8.34 -37.49
CA GLU B 41 -26.39 7.31 -36.62
C GLU B 41 -25.39 6.88 -35.54
N SER B 42 -24.11 6.92 -35.87
CA SER B 42 -23.07 6.75 -34.86
C SER B 42 -23.10 7.94 -33.92
N LEU B 43 -23.36 9.12 -34.51
CA LEU B 43 -23.59 10.33 -33.74
C LEU B 43 -24.77 10.17 -32.78
N ALA B 44 -25.84 9.54 -33.28
CA ALA B 44 -27.07 9.40 -32.50
C ALA B 44 -26.86 8.60 -31.23
N SER B 45 -25.90 7.69 -31.24
CA SER B 45 -25.66 6.82 -30.10
C SER B 45 -24.73 7.47 -29.07
N ILE B 46 -24.22 8.66 -29.38
CA ILE B 46 -23.41 9.41 -28.42
C ILE B 46 -24.31 10.05 -27.36
N GLU B 47 -24.14 9.67 -26.10
CA GLU B 47 -25.07 10.08 -25.06
C GLU B 47 -24.46 11.00 -24.01
N THR B 48 -23.14 10.96 -23.87
CA THR B 48 -22.45 11.71 -22.83
C THR B 48 -21.28 12.50 -23.40
N ILE B 49 -20.79 13.48 -22.65
CA ILE B 49 -19.61 14.22 -23.10
C ILE B 49 -18.38 13.30 -23.18
N SER B 50 -18.30 12.28 -22.34
CA SER B 50 -17.23 11.28 -22.45
C SER B 50 -17.25 10.56 -23.80
N GLN B 51 -18.43 10.13 -24.22
CA GLN B 51 -18.55 9.43 -25.49
C GLN B 51 -18.28 10.38 -26.67
N LEU B 52 -18.65 11.64 -26.53
CA LEU B 52 -18.38 12.64 -27.55
C LEU B 52 -16.86 12.83 -27.68
N ALA B 53 -16.18 12.96 -26.56
CA ALA B 53 -14.73 13.12 -26.57
C ALA B 53 -14.06 11.88 -27.18
N ALA B 54 -14.54 10.70 -26.80
CA ALA B 54 -13.96 9.46 -27.28
C ALA B 54 -14.15 9.30 -28.79
N ALA B 55 -15.30 9.76 -29.28
CA ALA B 55 -15.60 9.68 -30.72
C ALA B 55 -14.64 10.54 -31.55
N MET B 56 -14.41 11.77 -31.09
CA MET B 56 -13.51 12.68 -31.79
C MET B 56 -12.06 12.24 -31.69
N LYS B 57 -11.70 11.67 -30.54
CA LYS B 57 -10.34 11.17 -30.33
C LYS B 57 -10.07 9.99 -31.26
N ALA B 58 -11.09 9.16 -31.46
CA ALA B 58 -10.97 8.00 -32.34
C ALA B 58 -10.75 8.42 -33.80
N ILE B 59 -11.42 9.50 -34.22
CA ILE B 59 -11.22 10.04 -35.56
C ILE B 59 -9.77 10.50 -35.73
N VAL B 60 -9.25 11.20 -34.74
CA VAL B 60 -7.87 11.67 -34.80
C VAL B 60 -6.89 10.50 -34.84
N ASN B 61 -7.08 9.55 -33.92
CA ASN B 61 -6.14 8.44 -33.79
C ASN B 61 -6.08 7.52 -35.01
N LYS B 62 -7.16 7.46 -35.78
CA LYS B 62 -7.18 6.59 -36.96
C LYS B 62 -6.64 7.31 -38.20
N SER B 63 -6.38 8.60 -38.08
CA SER B 63 -5.86 9.37 -39.20
C SER B 63 -4.39 9.02 -39.47
N SER B 64 -3.82 9.57 -40.54
CA SER B 64 -2.47 9.22 -40.95
C SER B 64 -1.42 9.91 -40.10
N LYS B 65 -0.18 9.42 -40.18
CA LYS B 65 0.91 10.02 -39.44
C LYS B 65 1.12 11.47 -39.85
N ASP B 66 1.00 11.74 -41.15
CA ASP B 66 1.16 13.10 -41.68
C ASP B 66 0.04 14.02 -41.20
N GLN B 67 -1.16 13.47 -41.10
CA GLN B 67 -2.32 14.20 -40.57
C GLN B 67 -2.08 14.56 -39.10
N LYS B 68 -1.57 13.60 -38.33
CA LYS B 68 -1.33 13.80 -36.91
C LYS B 68 -0.26 14.86 -36.68
N LEU B 69 0.79 14.83 -37.49
CA LEU B 69 1.88 15.79 -37.36
C LEU B 69 1.42 17.22 -37.65
N GLU B 70 0.60 17.39 -38.69
CA GLU B 70 0.06 18.72 -39.01
C GLU B 70 -0.81 19.24 -37.88
N LEU B 71 -1.56 18.35 -37.26
CA LEU B 71 -2.41 18.72 -36.13
C LEU B 71 -1.56 19.24 -34.97
N LEU B 72 -0.46 18.57 -34.69
CA LEU B 72 0.46 19.02 -33.64
C LEU B 72 1.04 20.40 -33.99
N CYS B 73 1.44 20.56 -35.24
CA CYS B 73 2.05 21.82 -35.67
C CYS B 73 1.04 22.96 -35.74
N ALA B 74 -0.25 22.63 -35.73
CA ALA B 74 -1.30 23.64 -35.75
C ALA B 74 -1.57 24.19 -34.35
N HIS B 75 -1.24 23.41 -33.33
CA HIS B 75 -1.49 23.84 -31.97
C HIS B 75 -0.56 24.99 -31.61
N PRO B 76 -1.10 26.03 -30.94
CA PRO B 76 -0.35 27.25 -30.61
C PRO B 76 0.77 27.04 -29.60
N ASP B 77 1.89 27.72 -29.82
CA ASP B 77 3.06 27.67 -28.94
C ASP B 77 2.78 28.37 -27.61
N LEU B 78 3.51 27.98 -26.57
CA LEU B 78 3.41 28.63 -25.26
C LEU B 78 3.83 30.09 -25.34
N GLN B 102 4.92 36.55 -16.94
CA GLN B 102 4.27 36.20 -15.68
C GLN B 102 5.22 36.34 -14.49
N SER B 103 5.56 35.23 -13.86
CA SER B 103 6.38 35.25 -12.65
C SER B 103 7.81 34.77 -12.90
N LEU B 104 8.12 34.44 -14.15
CA LEU B 104 9.45 33.96 -14.51
C LEU B 104 10.52 35.02 -14.30
N THR B 105 11.59 34.66 -13.59
CA THR B 105 12.75 35.54 -13.47
C THR B 105 13.42 35.65 -14.83
N ASP B 106 14.35 36.58 -14.96
CA ASP B 106 15.01 36.78 -16.24
C ASP B 106 15.87 35.57 -16.61
N ALA B 107 16.46 34.94 -15.61
CA ALA B 107 17.23 33.72 -15.83
C ALA B 107 16.31 32.58 -16.26
N GLU B 108 15.14 32.49 -15.63
CA GLU B 108 14.16 31.46 -15.95
C GLU B 108 13.60 31.65 -17.36
N LEU B 109 13.41 32.91 -17.75
CA LEU B 109 12.86 33.21 -19.06
C LEU B 109 13.84 32.80 -20.17
N GLU B 110 15.13 32.98 -19.92
CA GLU B 110 16.14 32.58 -20.90
C GLU B 110 16.22 31.07 -21.02
N ARG B 111 16.11 30.36 -19.89
CA ARG B 111 16.12 28.91 -19.90
C ARG B 111 14.92 28.37 -20.65
N PHE B 112 13.77 28.97 -20.38
CA PHE B 112 12.51 28.62 -21.04
C PHE B 112 12.66 28.72 -22.55
N ASN B 113 13.07 29.90 -23.01
CA ASN B 113 13.20 30.14 -24.45
C ASN B 113 14.21 29.19 -25.07
N SER B 114 15.28 28.90 -24.34
CA SER B 114 16.31 28.00 -24.83
C SER B 114 15.79 26.57 -24.99
N LEU B 115 15.08 26.10 -23.97
CA LEU B 115 14.51 24.75 -23.98
C LEU B 115 13.43 24.60 -25.04
N ASN B 116 12.56 25.60 -25.13
CA ASN B 116 11.46 25.61 -26.08
C ASN B 116 11.96 25.54 -27.52
N GLY B 117 12.96 26.35 -27.84
CA GLY B 117 13.58 26.34 -29.14
C GLY B 117 14.23 25.00 -29.44
N ALA B 118 14.95 24.47 -28.46
CA ALA B 118 15.59 23.17 -28.60
C ALA B 118 14.56 22.08 -28.88
N TYR B 119 13.47 22.09 -28.12
CA TYR B 119 12.40 21.10 -28.27
C TYR B 119 11.85 21.12 -29.69
N ARG B 120 11.45 22.31 -30.15
CA ARG B 120 10.80 22.43 -31.44
C ARG B 120 11.69 21.99 -32.59
N ASP B 121 12.98 22.21 -32.46
CA ASP B 121 13.91 21.91 -33.55
C ASP B 121 14.33 20.45 -33.60
N GLN B 122 14.23 19.74 -32.48
CA GLN B 122 14.59 18.32 -32.51
C GLN B 122 13.37 17.45 -32.78
N CYS B 123 12.18 17.94 -32.43
CA CYS B 123 10.96 17.15 -32.56
C CYS B 123 10.20 17.39 -33.87
N GLY B 124 10.13 18.65 -34.29
CA GLY B 124 9.43 18.99 -35.52
C GLY B 124 8.04 19.56 -35.27
N PHE B 125 7.68 19.65 -34.00
CA PHE B 125 6.38 20.18 -33.58
C PHE B 125 6.59 20.92 -32.26
N PRO B 126 5.70 21.86 -31.93
CA PRO B 126 5.93 22.67 -30.73
C PRO B 126 5.74 21.88 -29.44
N PHE B 127 6.29 22.41 -28.36
CA PHE B 127 6.08 21.87 -27.02
C PHE B 127 4.64 22.09 -26.60
N ILE B 128 3.94 21.01 -26.30
CA ILE B 128 2.53 21.08 -25.93
C ILE B 128 2.33 20.52 -24.52
N LEU B 129 1.62 21.27 -23.69
CA LEU B 129 1.38 20.88 -22.30
C LEU B 129 -0.04 21.22 -21.85
N ALA B 130 -0.81 20.19 -21.52
CA ALA B 130 -2.18 20.36 -21.05
C ALA B 130 -2.25 20.42 -19.52
N VAL B 131 -2.36 21.63 -19.00
CA VAL B 131 -2.47 21.87 -17.56
C VAL B 131 -3.45 23.01 -17.30
N ARG B 132 -4.17 22.93 -16.18
CA ARG B 132 -5.07 24.02 -15.82
C ARG B 132 -4.48 24.84 -14.68
N ASN B 133 -4.36 26.14 -14.92
CA ASN B 133 -3.70 27.08 -14.00
C ASN B 133 -2.34 26.56 -13.57
N ALA B 134 -1.42 26.50 -14.53
CA ALA B 134 -0.10 25.96 -14.30
C ALA B 134 0.78 26.90 -13.50
N THR B 135 1.75 26.33 -12.81
CA THR B 135 2.80 27.11 -12.18
C THR B 135 3.99 27.11 -13.12
N LYS B 136 4.89 28.07 -12.95
CA LYS B 136 6.11 28.08 -13.74
C LYS B 136 6.94 26.83 -13.48
N HIS B 137 6.91 26.35 -12.24
CA HIS B 137 7.66 25.16 -11.85
C HIS B 137 7.24 23.95 -12.67
N THR B 138 5.94 23.83 -12.91
CA THR B 138 5.42 22.73 -13.71
C THR B 138 5.90 22.81 -15.15
N VAL B 139 5.78 23.98 -15.76
CA VAL B 139 6.17 24.15 -17.16
C VAL B 139 7.66 23.89 -17.35
N LEU B 140 8.49 24.47 -16.47
CA LEU B 140 9.94 24.31 -16.55
C LEU B 140 10.35 22.86 -16.36
N ALA B 141 9.71 22.18 -15.42
CA ALA B 141 10.02 20.77 -15.17
C ALA B 141 9.64 19.92 -16.37
N ALA B 142 8.45 20.16 -16.91
CA ALA B 142 7.97 19.40 -18.06
C ALA B 142 8.88 19.58 -19.26
N LEU B 143 9.19 20.84 -19.55
CA LEU B 143 10.05 21.20 -20.67
C LEU B 143 11.45 20.64 -20.46
N GLY B 144 12.00 20.86 -19.27
CA GLY B 144 13.34 20.39 -18.93
C GLY B 144 13.50 18.89 -19.02
N GLY B 145 12.44 18.15 -18.72
CA GLY B 145 12.49 16.70 -18.79
C GLY B 145 12.23 16.15 -20.19
N ARG B 146 11.27 16.73 -20.90
CA ARG B 146 10.83 16.16 -22.17
C ARG B 146 11.72 16.53 -23.35
N VAL B 147 12.51 17.59 -23.20
CA VAL B 147 13.51 17.97 -24.21
C VAL B 147 14.64 16.92 -24.24
N GLN B 148 14.79 16.16 -23.15
CA GLN B 148 15.65 14.95 -23.07
C GLN B 148 15.09 13.68 -23.74
N HIS B 149 13.83 13.66 -24.18
CA HIS B 149 13.25 12.44 -24.78
C HIS B 149 13.53 12.32 -26.29
N THR B 150 13.35 11.13 -26.84
CA THR B 150 13.42 10.94 -28.29
C THR B 150 12.19 11.56 -28.95
N PRO B 151 12.31 11.96 -30.23
CA PRO B 151 11.19 12.56 -30.96
C PRO B 151 9.98 11.64 -31.10
N GLU B 152 10.18 10.33 -31.13
CA GLU B 152 9.06 9.41 -31.26
C GLU B 152 8.34 9.19 -29.93
N GLN B 153 9.04 9.35 -28.81
CA GLN B 153 8.35 9.33 -27.53
C GLN B 153 7.52 10.60 -27.37
N GLU B 154 8.12 11.73 -27.75
CA GLU B 154 7.45 13.00 -27.60
C GLU B 154 6.26 13.12 -28.55
N PHE B 155 6.36 12.46 -29.70
CA PHE B 155 5.24 12.41 -30.64
C PHE B 155 4.01 11.81 -29.96
N MET B 156 4.23 10.73 -29.22
CA MET B 156 3.16 10.06 -28.49
C MET B 156 2.66 10.92 -27.33
N VAL B 157 3.60 11.53 -26.61
CA VAL B 157 3.27 12.41 -25.50
C VAL B 157 2.52 13.67 -25.95
N ALA B 158 2.97 14.28 -27.05
CA ALA B 158 2.30 15.46 -27.61
C ALA B 158 0.85 15.17 -27.99
N LEU B 159 0.63 14.04 -28.64
CA LEU B 159 -0.73 13.65 -29.01
C LEU B 159 -1.60 13.44 -27.77
N GLU B 160 -1.03 12.83 -26.73
CA GLU B 160 -1.77 12.70 -25.47
C GLU B 160 -2.16 14.07 -24.92
N GLN B 161 -1.25 15.05 -25.00
CA GLN B 161 -1.52 16.39 -24.49
C GLN B 161 -2.61 17.09 -25.33
N VAL B 162 -2.58 16.88 -26.63
CA VAL B 162 -3.56 17.53 -27.51
C VAL B 162 -4.98 16.99 -27.25
N HIS B 163 -5.09 15.69 -26.97
CA HIS B 163 -6.39 15.11 -26.58
C HIS B 163 -6.85 15.63 -25.22
N LYS B 164 -5.89 15.81 -24.31
CA LYS B 164 -6.22 16.38 -23.01
C LYS B 164 -6.74 17.81 -23.17
N ILE B 165 -6.16 18.56 -24.11
CA ILE B 165 -6.60 19.92 -24.38
C ILE B 165 -7.97 19.92 -25.06
N ALA B 166 -8.20 18.95 -25.93
CA ALA B 166 -9.51 18.78 -26.55
C ALA B 166 -10.58 18.58 -25.47
N TRP B 167 -10.25 17.77 -24.46
CA TRP B 167 -11.18 17.50 -23.36
C TRP B 167 -11.50 18.79 -22.58
N MET B 168 -10.46 19.56 -22.26
CA MET B 168 -10.65 20.84 -21.58
C MET B 168 -11.56 21.79 -22.37
N ARG B 169 -11.39 21.84 -23.68
CA ARG B 169 -12.18 22.75 -24.49
C ARG B 169 -13.62 22.26 -24.57
N LEU B 170 -13.81 20.95 -24.68
CA LEU B 170 -15.15 20.38 -24.70
C LEU B 170 -15.89 20.69 -23.42
N LEU B 171 -15.21 20.54 -22.28
CA LEU B 171 -15.80 20.81 -20.98
C LEU B 171 -16.21 22.27 -20.82
N SER B 172 -15.49 23.18 -21.47
CA SER B 172 -15.77 24.61 -21.28
C SER B 172 -16.94 25.06 -22.15
N LYS B 173 -17.21 24.31 -23.22
CA LYS B 173 -18.25 24.68 -24.18
C LYS B 173 -19.57 23.96 -23.94
N ILE B 174 -19.52 22.84 -23.23
CA ILE B 174 -20.71 22.02 -22.98
C ILE B 174 -21.23 22.22 -21.56
N ASP B 175 -22.53 22.43 -21.41
CA ASP B 175 -23.15 22.44 -20.10
C ASP B 175 -23.23 21.01 -19.58
N THR B 176 -22.49 20.71 -18.52
CA THR B 176 -22.44 19.36 -17.99
C THR B 176 -23.23 19.21 -16.70
N SER B 177 -24.20 20.08 -16.48
CA SER B 177 -24.96 20.05 -15.22
C SER B 177 -25.78 18.77 -15.11
N ASP B 178 -26.05 18.13 -16.26
CA ASP B 178 -26.84 16.91 -16.29
C ASP B 178 -25.97 15.64 -16.30
N ALA B 179 -24.66 15.81 -16.08
CA ALA B 179 -23.76 14.67 -15.93
C ALA B 179 -24.18 13.86 -14.72
N GLN B 180 -23.89 12.56 -14.73
CA GLN B 180 -24.36 11.69 -13.65
C GLN B 180 -23.26 10.94 -12.92
N GLY B 181 -22.06 11.50 -12.89
CA GLY B 181 -20.99 10.91 -12.12
C GLY B 181 -21.20 11.14 -10.64
N PHE B 182 -20.39 10.49 -9.81
CA PHE B 182 -20.52 10.67 -8.37
C PHE B 182 -19.26 10.22 -7.65
N LEU B 183 -19.13 10.67 -6.40
CA LEU B 183 -17.96 10.43 -5.58
C LEU B 183 -18.30 9.56 -4.37
N THR B 184 -17.60 8.45 -4.18
CA THR B 184 -17.80 7.61 -3.01
C THR B 184 -16.52 7.39 -2.23
N CYS B 185 -16.68 6.88 -1.02
CA CYS B 185 -15.54 6.70 -0.13
C CYS B 185 -15.72 5.46 0.74
N HIS B 186 -14.61 4.86 1.09
CA HIS B 186 -14.60 3.69 1.96
C HIS B 186 -13.39 3.79 2.86
N VAL B 187 -13.54 3.43 4.13
CA VAL B 187 -12.39 3.44 5.04
C VAL B 187 -12.18 2.06 5.63
N LEU B 188 -11.00 1.52 5.40
CA LEU B 188 -10.63 0.21 5.93
C LEU B 188 -9.52 0.31 6.96
N ASP B 189 -9.75 -0.29 8.12
CA ASP B 189 -8.77 -0.38 9.21
C ASP B 189 -7.90 -1.61 8.98
N THR B 190 -6.69 -1.40 8.44
CA THR B 190 -5.81 -2.51 8.10
C THR B 190 -5.08 -3.04 9.33
N GLY B 191 -5.14 -2.30 10.43
CA GLY B 191 -4.54 -2.75 11.66
C GLY B 191 -5.37 -3.86 12.27
N ASN B 192 -6.68 -3.74 12.12
CA ASN B 192 -7.63 -4.66 12.73
C ASN B 192 -8.42 -5.48 11.72
N GLY B 193 -8.31 -5.13 10.44
CA GLY B 193 -8.92 -5.91 9.37
C GLY B 193 -10.43 -5.80 9.31
N CYS B 194 -10.92 -4.59 9.52
CA CYS B 194 -12.36 -4.35 9.54
C CYS B 194 -12.66 -2.99 8.94
N PRO B 195 -13.90 -2.78 8.45
CA PRO B 195 -14.25 -1.42 8.05
C PRO B 195 -14.25 -0.51 9.26
N ALA B 196 -13.88 0.74 9.05
CA ALA B 196 -13.81 1.70 10.15
C ALA B 196 -15.14 2.40 10.30
N GLU B 197 -15.87 2.06 11.35
CA GLU B 197 -17.22 2.57 11.55
C GLU B 197 -17.21 3.81 12.44
N LYS B 198 -18.14 4.71 12.14
CA LYS B 198 -18.32 5.96 12.87
C LYS B 198 -17.12 6.91 12.78
N MET B 199 -16.34 6.81 11.70
CA MET B 199 -15.25 7.76 11.50
C MET B 199 -15.80 9.02 10.86
N ARG B 200 -15.37 10.17 11.39
CA ARG B 200 -15.83 11.45 10.87
C ARG B 200 -14.97 11.84 9.67
N ILE B 201 -15.61 12.35 8.64
CA ILE B 201 -14.91 12.74 7.41
C ILE B 201 -15.47 14.04 6.86
N HIS B 202 -14.57 14.98 6.55
CA HIS B 202 -14.97 16.23 5.91
C HIS B 202 -14.47 16.27 4.48
N LEU B 203 -15.16 17.05 3.64
CA LEU B 203 -14.77 17.21 2.25
C LEU B 203 -14.80 18.68 1.87
N HIS B 204 -13.67 19.17 1.36
CA HIS B 204 -13.57 20.53 0.83
C HIS B 204 -13.27 20.49 -0.66
N ARG B 205 -13.84 21.44 -1.39
CA ARG B 205 -13.41 21.70 -2.76
C ARG B 205 -12.37 22.80 -2.75
N LEU B 206 -11.19 22.54 -3.32
CA LEU B 206 -10.09 23.50 -3.26
C LEU B 206 -10.04 24.40 -4.48
N SER B 207 -10.47 23.88 -5.63
CA SER B 207 -10.47 24.65 -6.87
C SER B 207 -11.54 24.12 -7.82
N PRO B 208 -12.05 24.96 -8.72
CA PRO B 208 -11.74 26.39 -8.95
C PRO B 208 -12.25 27.29 -7.82
N PRO B 209 -11.64 28.48 -7.65
CA PRO B 209 -11.90 29.38 -6.53
C PRO B 209 -13.37 29.73 -6.31
N GLU B 210 -14.13 29.94 -7.38
CA GLU B 210 -15.50 30.45 -7.27
C GLU B 210 -16.39 29.59 -6.36
N MET B 211 -16.17 28.29 -6.37
CA MET B 211 -16.99 27.40 -5.55
C MET B 211 -16.17 26.57 -4.58
N ALA B 212 -15.05 27.14 -4.14
CA ALA B 212 -14.23 26.54 -3.09
C ALA B 212 -14.96 26.62 -1.74
N GLY B 213 -14.68 25.67 -0.86
CA GLY B 213 -15.26 25.68 0.47
C GLY B 213 -15.62 24.29 0.96
N LEU B 214 -16.19 24.25 2.16
CA LEU B 214 -16.69 23.01 2.75
C LEU B 214 -17.89 22.52 1.96
N VAL B 215 -17.82 21.30 1.44
CA VAL B 215 -18.94 20.77 0.65
C VAL B 215 -19.62 19.59 1.33
N GLY B 216 -19.14 19.21 2.52
CA GLY B 216 -19.80 18.16 3.27
C GLY B 216 -19.10 17.69 4.54
N GLU B 217 -19.91 17.23 5.50
CA GLU B 217 -19.40 16.57 6.70
C GLU B 217 -20.08 15.21 6.81
N PHE B 218 -19.28 14.15 6.88
CA PHE B 218 -19.81 12.79 6.79
C PHE B 218 -19.36 11.92 7.95
N VAL B 219 -20.03 10.78 8.12
CA VAL B 219 -19.61 9.75 9.08
C VAL B 219 -19.73 8.39 8.41
N THR B 220 -18.80 7.49 8.71
CA THR B 220 -18.83 6.16 8.09
C THR B 220 -19.84 5.25 8.80
N ASN B 221 -20.44 4.35 8.05
CA ASN B 221 -21.39 3.41 8.62
C ASN B 221 -20.73 2.11 9.04
N ASP B 222 -21.56 1.09 9.31
CA ASP B 222 -21.09 -0.21 9.77
C ASP B 222 -20.21 -0.91 8.73
N ASP B 223 -20.36 -0.52 7.47
CA ASP B 223 -19.60 -1.11 6.36
C ASP B 223 -18.40 -0.25 5.97
N GLY B 224 -18.18 0.84 6.69
CA GLY B 224 -17.04 1.72 6.43
C GLY B 224 -17.28 2.67 5.27
N ARG B 225 -18.52 2.72 4.80
CA ARG B 225 -18.88 3.64 3.73
C ARG B 225 -19.58 4.86 4.28
N LEU B 226 -19.69 5.92 3.48
CA LEU B 226 -20.36 7.13 3.94
C LEU B 226 -21.84 6.87 4.20
N GLU B 227 -22.32 7.26 5.37
CA GLU B 227 -23.75 7.22 5.64
C GLU B 227 -24.45 8.21 4.71
N GLY B 228 -25.50 7.76 4.05
CA GLY B 228 -26.22 8.62 3.13
C GLY B 228 -25.75 8.53 1.69
N GLY B 229 -24.84 7.61 1.41
CA GLY B 229 -24.40 7.38 0.04
C GLY B 229 -23.28 8.26 -0.45
N PRO B 230 -23.26 8.56 -1.76
CA PRO B 230 -22.19 9.37 -2.38
C PRO B 230 -22.03 10.73 -1.72
N ALA B 231 -20.78 11.19 -1.61
CA ALA B 231 -20.49 12.49 -1.04
C ALA B 231 -20.97 13.61 -1.96
N LEU B 232 -20.84 13.39 -3.26
CA LEU B 232 -21.28 14.34 -4.28
C LEU B 232 -21.88 13.54 -5.43
N LYS B 233 -22.96 14.05 -6.02
CA LYS B 233 -23.64 13.32 -7.08
C LYS B 233 -24.15 14.25 -8.19
N GLY B 234 -23.72 13.99 -9.42
CA GLY B 234 -24.23 14.72 -10.57
C GLY B 234 -23.56 16.05 -10.86
N GLY B 235 -23.79 16.54 -12.07
CA GLY B 235 -23.06 17.68 -12.62
C GLY B 235 -23.22 19.04 -11.94
N LYS B 236 -24.16 19.17 -11.02
CA LYS B 236 -24.30 20.42 -10.28
C LYS B 236 -23.31 20.52 -9.11
N GLU B 237 -22.91 19.38 -8.56
CA GLU B 237 -22.00 19.40 -7.41
C GLU B 237 -20.78 18.50 -7.58
N PHE B 238 -20.92 17.41 -8.33
CA PHE B 238 -19.75 16.60 -8.66
C PHE B 238 -19.09 17.20 -9.90
N THR B 239 -18.22 18.18 -9.68
CA THR B 239 -17.69 19.00 -10.76
C THR B 239 -16.18 18.91 -10.84
N VAL B 240 -15.67 19.04 -12.06
CA VAL B 240 -14.23 19.01 -12.31
C VAL B 240 -13.51 19.99 -11.38
N GLY B 241 -12.44 19.53 -10.75
CA GLY B 241 -11.68 20.39 -9.87
C GLY B 241 -10.86 19.60 -8.86
N GLN B 242 -10.27 20.33 -7.91
CA GLN B 242 -9.44 19.74 -6.88
C GLN B 242 -10.18 19.68 -5.54
N TYR B 243 -10.06 18.55 -4.86
CA TYR B 243 -10.78 18.34 -3.60
C TYR B 243 -9.83 17.88 -2.51
N GLU B 244 -10.29 17.94 -1.26
CA GLU B 244 -9.53 17.40 -0.14
C GLU B 244 -10.44 16.74 0.90
N TRP B 245 -10.20 15.44 1.14
CA TRP B 245 -10.80 14.76 2.27
C TRP B 245 -10.06 15.16 3.55
N THR B 246 -10.77 15.16 4.66
CA THR B 246 -10.14 15.18 5.97
C THR B 246 -10.67 14.00 6.76
N PHE B 247 -9.80 13.03 7.04
CA PHE B 247 -10.17 11.87 7.83
C PHE B 247 -9.73 12.03 9.28
N PHE B 248 -10.68 12.01 10.20
CA PHE B 248 -10.38 12.19 11.61
C PHE B 248 -10.08 10.84 12.27
N CYS B 249 -8.93 10.26 11.90
CA CYS B 249 -8.60 8.89 12.31
C CYS B 249 -8.24 8.78 13.78
N GLY B 250 -7.70 9.85 14.34
CA GLY B 250 -7.37 9.90 15.76
C GLY B 250 -8.54 9.53 16.65
N GLU B 251 -9.70 10.12 16.38
CA GLU B 251 -10.92 9.78 17.11
C GLU B 251 -11.24 8.30 16.99
N TYR B 252 -11.13 7.77 15.77
CA TYR B 252 -11.45 6.38 15.50
C TYR B 252 -10.56 5.41 16.27
N PHE B 253 -9.25 5.62 16.20
CA PHE B 253 -8.30 4.79 16.93
C PHE B 253 -8.57 4.81 18.43
N ALA B 254 -8.85 5.99 18.97
CA ALA B 254 -9.12 6.15 20.40
C ALA B 254 -10.38 5.40 20.82
N SER B 255 -11.38 5.36 19.92
CA SER B 255 -12.62 4.64 20.18
C SER B 255 -12.37 3.15 20.36
N LYS B 256 -11.29 2.65 19.77
CA LYS B 256 -10.98 1.23 19.83
C LYS B 256 -9.97 0.91 20.93
N GLY B 257 -9.42 1.96 21.54
CA GLY B 257 -8.34 1.80 22.49
C GLY B 257 -7.06 1.35 21.81
N THR B 258 -6.96 1.58 20.50
CA THR B 258 -5.80 1.15 19.74
C THR B 258 -4.59 1.97 20.20
N PHE B 259 -3.45 1.32 20.39
CA PHE B 259 -2.27 2.07 20.79
C PHE B 259 -1.84 3.08 19.74
N THR B 260 -1.66 4.32 20.17
CA THR B 260 -1.03 5.37 19.37
C THR B 260 -0.07 6.15 20.26
N SER B 261 0.91 6.82 19.65
CA SER B 261 1.84 7.64 20.42
C SER B 261 1.14 8.87 20.99
N GLY B 262 1.67 9.40 22.10
CA GLY B 262 1.13 10.58 22.76
C GLY B 262 0.93 11.72 21.79
N GLN B 263 1.95 11.97 20.97
CA GLN B 263 1.81 12.75 19.75
C GLN B 263 1.64 11.74 18.64
N PRO B 264 0.38 11.47 18.23
CA PRO B 264 0.12 10.37 17.30
C PRO B 264 0.86 10.54 15.98
N PHE B 265 1.40 9.45 15.46
CA PHE B 265 2.04 9.51 14.15
C PHE B 265 1.03 9.95 13.09
N LEU B 266 -0.15 9.34 13.12
CA LEU B 266 -1.27 9.79 12.28
C LEU B 266 -2.51 9.99 13.14
N ASP B 267 -3.22 11.10 12.92
CA ASP B 267 -4.55 11.24 13.52
C ASP B 267 -5.50 11.91 12.53
N THR B 268 -5.22 13.14 12.14
CA THR B 268 -6.02 13.79 11.12
C THR B 268 -5.30 13.67 9.77
N ILE B 269 -5.96 13.06 8.80
CA ILE B 269 -5.31 12.76 7.53
C ILE B 269 -5.97 13.50 6.37
N PRO B 270 -5.21 14.36 5.71
CA PRO B 270 -5.71 15.03 4.51
C PRO B 270 -5.48 14.17 3.28
N LEU B 271 -6.44 14.13 2.37
CA LEU B 271 -6.29 13.39 1.12
C LEU B 271 -6.72 14.30 -0.03
N ARG B 272 -5.74 14.83 -0.74
CA ARG B 272 -5.97 15.80 -1.81
C ARG B 272 -5.99 15.09 -3.15
N PHE B 273 -7.02 15.36 -3.96
CA PHE B 273 -7.18 14.66 -5.23
C PHE B 273 -7.95 15.49 -6.24
N GLY B 274 -7.78 15.16 -7.52
CA GLY B 274 -8.46 15.86 -8.59
C GLY B 274 -9.52 15.03 -9.27
N ILE B 275 -10.61 15.68 -9.67
CA ILE B 275 -11.68 15.08 -10.46
C ILE B 275 -11.63 15.61 -11.89
N ASP B 276 -11.49 14.73 -12.88
CA ASP B 276 -11.30 15.17 -14.27
C ASP B 276 -12.51 14.95 -15.17
N ASN B 277 -13.45 14.12 -14.76
CA ASN B 277 -14.58 13.78 -15.62
C ASN B 277 -15.88 13.64 -14.83
N PRO B 278 -16.83 14.56 -15.07
CA PRO B 278 -18.13 14.61 -14.38
C PRO B 278 -19.04 13.42 -14.69
N ASP B 279 -18.70 12.61 -15.69
CA ASP B 279 -19.47 11.42 -16.03
C ASP B 279 -19.11 10.22 -15.15
N ASP B 280 -17.92 10.26 -14.56
CA ASP B 280 -17.33 9.07 -13.95
C ASP B 280 -17.73 8.87 -12.50
N HIS B 281 -17.77 7.61 -12.09
CA HIS B 281 -17.79 7.27 -10.68
C HIS B 281 -16.36 7.26 -10.17
N TYR B 282 -16.07 8.14 -9.21
CA TYR B 282 -14.79 8.16 -8.52
C TYR B 282 -14.95 7.55 -7.14
N HIS B 283 -14.22 6.48 -6.86
CA HIS B 283 -14.16 5.92 -5.52
C HIS B 283 -12.76 6.19 -4.96
N VAL B 284 -12.68 7.01 -3.92
CA VAL B 284 -11.39 7.43 -3.37
C VAL B 284 -11.35 7.10 -1.89
N PRO B 285 -10.90 5.88 -1.57
CA PRO B 285 -10.93 5.34 -0.21
C PRO B 285 -9.69 5.64 0.59
N LEU B 286 -9.72 5.23 1.85
CA LEU B 286 -8.56 5.31 2.72
C LEU B 286 -8.32 3.92 3.32
N LEU B 287 -7.10 3.44 3.16
CA LEU B 287 -6.64 2.23 3.85
C LEU B 287 -5.73 2.69 4.95
N VAL B 288 -6.02 2.36 6.20
CA VAL B 288 -5.30 3.03 7.27
C VAL B 288 -5.03 2.17 8.52
N SER B 289 -3.86 2.40 9.10
CA SER B 289 -3.52 1.91 10.43
C SER B 289 -2.92 3.10 11.16
N PRO B 290 -2.67 2.99 12.48
CA PRO B 290 -2.06 4.14 13.15
C PRO B 290 -0.67 4.48 12.60
N TRP B 291 -0.11 3.60 11.78
CA TRP B 291 1.29 3.72 11.37
C TRP B 291 1.45 3.76 9.85
N SER B 292 0.35 3.74 9.12
CA SER B 292 0.44 3.72 7.67
C SER B 292 -0.87 4.11 7.03
N PHE B 293 -0.83 4.58 5.80
CA PHE B 293 -2.06 4.78 5.06
C PHE B 293 -1.81 4.80 3.58
N SER B 294 -2.85 4.45 2.81
CA SER B 294 -2.75 4.48 1.37
C SER B 294 -4.09 4.81 0.73
N THR B 295 -4.04 5.19 -0.54
CA THR B 295 -5.25 5.41 -1.31
C THR B 295 -4.98 5.16 -2.78
N TYR B 296 -6.04 5.15 -3.57
CA TYR B 296 -5.93 4.90 -4.99
C TYR B 296 -7.17 5.47 -5.67
N ARG B 297 -7.08 5.64 -6.98
CA ARG B 297 -8.24 6.07 -7.74
C ARG B 297 -9.05 4.84 -8.13
N GLY B 298 -10.18 4.65 -7.45
CA GLY B 298 -11.06 3.52 -7.76
C GLY B 298 -12.27 3.93 -8.58
N SER B 299 -13.11 2.94 -8.89
CA SER B 299 -14.35 3.19 -9.62
C SER B 299 -15.43 2.19 -9.21
N PRO C 4 -22.63 -33.94 13.32
CA PRO C 4 -22.89 -32.50 13.42
C PRO C 4 -24.37 -32.15 13.32
N VAL C 5 -24.74 -31.03 13.93
CA VAL C 5 -26.12 -30.53 13.88
C VAL C 5 -26.09 -29.08 13.42
N THR C 6 -27.11 -28.68 12.67
CA THR C 6 -27.22 -27.28 12.26
C THR C 6 -27.57 -26.43 13.47
N VAL C 7 -27.32 -25.13 13.36
CA VAL C 7 -27.62 -24.20 14.45
C VAL C 7 -29.11 -24.22 14.81
N LYS C 8 -29.95 -24.15 13.79
CA LYS C 8 -31.40 -24.14 13.99
C LYS C 8 -31.89 -25.40 14.69
N ASP C 9 -31.36 -26.55 14.29
CA ASP C 9 -31.78 -27.82 14.86
C ASP C 9 -31.20 -28.06 16.25
N LEU C 10 -30.04 -27.48 16.54
CA LEU C 10 -29.49 -27.52 17.89
C LEU C 10 -30.38 -26.74 18.84
N LEU C 11 -30.71 -25.51 18.45
CA LEU C 11 -31.35 -24.56 19.35
C LEU C 11 -32.85 -24.81 19.52
N SER C 12 -33.37 -25.84 18.87
CA SER C 12 -34.77 -26.22 19.04
C SER C 12 -34.92 -27.37 20.04
N LYS C 13 -33.79 -27.97 20.41
CA LYS C 13 -33.77 -29.02 21.42
C LYS C 13 -34.03 -28.42 22.80
N PRO C 14 -34.42 -29.26 23.78
CA PRO C 14 -34.59 -28.78 25.15
C PRO C 14 -33.33 -28.13 25.71
N SER C 15 -33.51 -27.15 26.60
CA SER C 15 -32.42 -26.37 27.17
C SER C 15 -31.31 -27.23 27.74
N ALA C 16 -31.67 -28.36 28.34
CA ALA C 16 -30.69 -29.20 29.00
C ALA C 16 -29.84 -29.97 27.99
N GLU C 17 -30.43 -30.33 26.86
CA GLU C 17 -29.68 -31.00 25.80
C GLU C 17 -28.72 -30.03 25.13
N ILE C 18 -29.15 -28.78 24.98
CA ILE C 18 -28.31 -27.73 24.41
C ILE C 18 -27.06 -27.52 25.27
N ALA C 19 -27.27 -27.40 26.58
CA ALA C 19 -26.17 -27.16 27.52
C ALA C 19 -25.23 -28.35 27.54
N SER C 20 -25.78 -29.54 27.43
CA SER C 20 -24.96 -30.74 27.35
C SER C 20 -24.13 -30.74 26.09
N PHE C 21 -24.77 -30.36 24.98
CA PHE C 21 -24.13 -30.33 23.68
C PHE C 21 -22.95 -29.34 23.66
N LEU C 22 -23.13 -28.19 24.30
CA LEU C 22 -22.13 -27.12 24.26
C LEU C 22 -21.25 -27.00 25.50
N GLY C 23 -21.36 -27.96 26.41
CA GLY C 23 -20.63 -27.90 27.67
C GLY C 23 -19.12 -27.97 27.55
N GLY C 24 -18.63 -28.51 26.43
CA GLY C 24 -17.21 -28.67 26.21
C GLY C 24 -16.58 -27.67 25.27
N ILE C 25 -17.37 -26.73 24.76
CA ILE C 25 -16.85 -25.67 23.91
C ILE C 25 -15.75 -24.89 24.62
N TYR C 26 -16.04 -24.47 25.85
CA TYR C 26 -15.03 -23.92 26.74
C TYR C 26 -14.61 -25.02 27.72
N GLU C 27 -13.33 -25.34 27.72
CA GLU C 27 -12.79 -26.49 28.46
C GLU C 27 -13.19 -26.51 29.93
N HIS C 28 -13.80 -27.61 30.36
CA HIS C 28 -14.20 -27.83 31.75
C HIS C 28 -15.00 -26.67 32.31
N SER C 29 -15.73 -25.99 31.42
CA SER C 29 -16.53 -24.84 31.81
C SER C 29 -17.95 -25.01 31.29
N ALA C 30 -18.66 -25.99 31.86
CA ALA C 30 -20.02 -26.28 31.45
C ALA C 30 -20.97 -25.14 31.81
N TRP C 31 -20.58 -24.35 32.81
CA TRP C 31 -21.41 -23.24 33.29
C TRP C 31 -21.69 -22.20 32.22
N VAL C 32 -20.81 -22.10 31.22
CA VAL C 32 -21.01 -21.14 30.15
C VAL C 32 -22.27 -21.47 29.35
N ALA C 33 -22.37 -22.72 28.93
CA ALA C 33 -23.51 -23.19 28.15
C ALA C 33 -24.80 -23.17 28.98
N GLU C 34 -24.68 -23.52 30.25
CA GLU C 34 -25.84 -23.55 31.14
C GLU C 34 -26.34 -22.13 31.42
N ALA C 35 -25.42 -21.18 31.40
CA ALA C 35 -25.79 -19.78 31.48
C ALA C 35 -26.54 -19.37 30.21
N LEU C 36 -26.05 -19.84 29.07
CA LEU C 36 -26.62 -19.48 27.78
C LEU C 36 -28.09 -19.84 27.63
N VAL C 37 -28.48 -21.00 28.16
CA VAL C 37 -29.82 -21.52 27.91
C VAL C 37 -30.89 -20.94 28.85
N LYS C 38 -30.46 -20.24 29.90
CA LYS C 38 -31.41 -19.59 30.79
C LYS C 38 -32.08 -18.38 30.12
N ASP C 39 -31.44 -17.88 29.07
CA ASP C 39 -31.96 -16.74 28.32
C ASP C 39 -32.74 -17.21 27.10
N ALA C 40 -34.01 -17.58 27.31
CA ALA C 40 -34.83 -18.17 26.24
C ALA C 40 -35.14 -17.17 25.13
N GLU C 41 -35.25 -15.89 25.49
CA GLU C 41 -35.48 -14.85 24.50
C GLU C 41 -34.21 -14.62 23.67
N SER C 42 -33.08 -14.52 24.35
CA SER C 42 -31.79 -14.41 23.70
C SER C 42 -31.52 -15.60 22.76
N LEU C 43 -31.93 -16.78 23.20
CA LEU C 43 -31.70 -18.01 22.45
C LEU C 43 -32.48 -18.02 21.14
N ALA C 44 -33.68 -17.44 21.16
CA ALA C 44 -34.56 -17.41 20.00
C ALA C 44 -34.10 -16.41 18.94
N SER C 45 -33.10 -15.60 19.27
CA SER C 45 -32.58 -14.60 18.36
C SER C 45 -31.45 -15.15 17.48
N ILE C 46 -30.76 -16.16 17.99
CA ILE C 46 -29.60 -16.73 17.32
C ILE C 46 -29.98 -17.50 16.05
N GLU C 47 -29.38 -17.13 14.93
CA GLU C 47 -29.70 -17.73 13.64
C GLU C 47 -28.48 -18.35 12.95
N THR C 48 -27.30 -17.79 13.20
CA THR C 48 -26.09 -18.31 12.56
C THR C 48 -25.07 -18.76 13.60
N ILE C 49 -24.07 -19.53 13.15
CA ILE C 49 -23.02 -20.00 14.03
C ILE C 49 -22.20 -18.82 14.56
N SER C 50 -22.11 -17.75 13.78
CA SER C 50 -21.42 -16.53 14.21
C SER C 50 -22.13 -15.94 15.43
N GLN C 51 -23.45 -15.90 15.38
CA GLN C 51 -24.25 -15.36 16.47
C GLN C 51 -24.22 -16.25 17.71
N LEU C 52 -24.10 -17.56 17.51
CA LEU C 52 -23.99 -18.49 18.64
C LEU C 52 -22.66 -18.30 19.36
N ALA C 53 -21.59 -18.18 18.58
CA ALA C 53 -20.26 -17.95 19.15
C ALA C 53 -20.21 -16.66 19.93
N ALA C 54 -20.82 -15.62 19.38
CA ALA C 54 -20.83 -14.31 20.02
C ALA C 54 -21.59 -14.35 21.34
N ALA C 55 -22.68 -15.11 21.38
CA ALA C 55 -23.49 -15.24 22.59
C ALA C 55 -22.71 -15.91 23.72
N MET C 56 -21.99 -16.98 23.41
CA MET C 56 -21.18 -17.67 24.40
C MET C 56 -19.99 -16.80 24.80
N LYS C 57 -19.43 -16.09 23.84
CA LYS C 57 -18.33 -15.18 24.11
C LYS C 57 -18.77 -14.10 25.09
N ALA C 58 -19.97 -13.56 24.87
CA ALA C 58 -20.50 -12.50 25.70
C ALA C 58 -20.71 -12.94 27.15
N ILE C 59 -21.06 -14.21 27.33
CA ILE C 59 -21.28 -14.76 28.67
C ILE C 59 -19.98 -14.83 29.44
N VAL C 60 -18.92 -15.29 28.79
CA VAL C 60 -17.61 -15.35 29.40
C VAL C 60 -17.09 -13.94 29.71
N ASN C 61 -17.31 -13.02 28.78
CA ASN C 61 -16.80 -11.66 28.92
C ASN C 61 -17.48 -10.87 30.04
N LYS C 62 -18.70 -11.25 30.38
CA LYS C 62 -19.43 -10.56 31.45
C LYS C 62 -19.20 -11.19 32.82
N SER C 63 -18.59 -12.37 32.85
CA SER C 63 -18.34 -13.06 34.12
C SER C 63 -17.25 -12.34 34.93
N SER C 64 -17.09 -12.74 36.18
CA SER C 64 -16.15 -12.07 37.08
C SER C 64 -14.70 -12.46 36.75
N LYS C 65 -13.76 -11.73 37.31
CA LYS C 65 -12.32 -11.97 37.05
C LYS C 65 -11.90 -13.37 37.49
N ASP C 66 -12.34 -13.77 38.69
CA ASP C 66 -11.99 -15.09 39.22
C ASP C 66 -12.60 -16.22 38.38
N GLN C 67 -13.81 -16.00 37.85
CA GLN C 67 -14.35 -16.94 36.88
C GLN C 67 -13.47 -17.05 35.63
N LYS C 68 -13.04 -15.91 35.11
CA LYS C 68 -12.18 -15.90 33.92
C LYS C 68 -10.86 -16.60 34.22
N LEU C 69 -10.28 -16.28 35.37
CA LEU C 69 -9.03 -16.90 35.77
C LEU C 69 -9.20 -18.42 35.92
N GLU C 70 -10.31 -18.85 36.52
CA GLU C 70 -10.53 -20.28 36.72
C GLU C 70 -10.78 -20.97 35.38
N LEU C 71 -11.42 -20.26 34.46
CA LEU C 71 -11.59 -20.77 33.11
C LEU C 71 -10.24 -20.96 32.43
N LEU C 72 -9.35 -19.99 32.61
CA LEU C 72 -8.00 -20.08 32.05
C LEU C 72 -7.24 -21.26 32.65
N CYS C 73 -7.34 -21.40 33.98
CA CYS C 73 -6.62 -22.47 34.67
C CYS C 73 -7.22 -23.84 34.37
N ALA C 74 -8.49 -23.86 34.00
CA ALA C 74 -9.16 -25.11 33.66
C ALA C 74 -8.64 -25.63 32.33
N HIS C 75 -8.02 -24.74 31.57
CA HIS C 75 -7.45 -25.09 30.28
C HIS C 75 -6.18 -25.93 30.46
N PRO C 76 -6.07 -27.02 29.67
CA PRO C 76 -4.93 -27.94 29.73
C PRO C 76 -3.60 -27.26 29.42
N ASP C 77 -2.52 -27.78 30.00
CA ASP C 77 -1.18 -27.29 29.70
C ASP C 77 -0.86 -27.59 28.24
N LEU C 78 0.11 -26.87 27.68
CA LEU C 78 0.49 -27.07 26.28
C LEU C 78 1.80 -27.84 26.16
N SER C 103 7.78 -33.09 17.58
CA SER C 103 8.69 -32.53 16.57
C SER C 103 9.90 -31.86 17.20
N LEU C 104 9.79 -31.55 18.49
CA LEU C 104 10.82 -30.79 19.21
C LEU C 104 12.15 -31.53 19.30
N THR C 105 13.24 -30.76 19.19
CA THR C 105 14.58 -31.28 19.45
C THR C 105 14.84 -31.24 20.96
N ASP C 106 15.99 -31.77 21.38
CA ASP C 106 16.37 -31.71 22.79
C ASP C 106 16.40 -30.28 23.29
N ALA C 107 17.10 -29.42 22.56
CA ALA C 107 17.25 -28.01 22.93
C ALA C 107 15.92 -27.27 22.89
N GLU C 108 15.08 -27.63 21.91
CA GLU C 108 13.78 -26.99 21.78
C GLU C 108 12.85 -27.36 22.93
N LEU C 109 12.89 -28.63 23.33
CA LEU C 109 12.01 -29.10 24.41
C LEU C 109 12.40 -28.51 25.75
N GLU C 110 13.70 -28.37 26.00
CA GLU C 110 14.16 -27.81 27.27
C GLU C 110 13.88 -26.31 27.32
N ARG C 111 13.95 -25.65 26.16
CA ARG C 111 13.57 -24.24 26.08
C ARG C 111 12.08 -24.10 26.37
N PHE C 112 11.29 -24.98 25.77
CA PHE C 112 9.85 -24.97 25.98
C PHE C 112 9.52 -25.10 27.46
N ASN C 113 10.05 -26.14 28.10
CA ASN C 113 9.77 -26.41 29.51
C ASN C 113 10.15 -25.26 30.43
N SER C 114 11.31 -24.65 30.19
CA SER C 114 11.76 -23.53 31.01
C SER C 114 10.84 -22.32 30.87
N LEU C 115 10.58 -21.92 29.63
CA LEU C 115 9.72 -20.77 29.36
C LEU C 115 8.29 -21.04 29.82
N ASN C 116 7.80 -22.25 29.59
CA ASN C 116 6.44 -22.62 29.98
C ASN C 116 6.26 -22.54 31.48
N GLY C 117 7.25 -23.04 32.22
CA GLY C 117 7.23 -22.97 33.66
C GLY C 117 7.28 -21.54 34.16
N ALA C 118 8.18 -20.75 33.58
CA ALA C 118 8.34 -19.35 33.95
C ALA C 118 7.06 -18.56 33.71
N TYR C 119 6.39 -18.87 32.61
CA TYR C 119 5.14 -18.21 32.23
C TYR C 119 4.06 -18.39 33.29
N ARG C 120 3.88 -19.63 33.74
CA ARG C 120 2.86 -19.95 34.74
C ARG C 120 3.09 -19.22 36.05
N ASP C 121 4.33 -19.23 36.52
CA ASP C 121 4.68 -18.57 37.78
C ASP C 121 4.48 -17.07 37.69
N GLN C 122 4.63 -16.52 36.49
CA GLN C 122 4.48 -15.09 36.26
C GLN C 122 3.04 -14.64 36.20
N CYS C 123 2.20 -15.41 35.51
CA CYS C 123 0.85 -14.98 35.17
C CYS C 123 -0.23 -15.58 36.07
N GLY C 124 0.03 -16.78 36.59
CA GLY C 124 -0.93 -17.44 37.45
C GLY C 124 -1.95 -18.25 36.66
N PHE C 125 -1.70 -18.36 35.36
CA PHE C 125 -2.51 -19.19 34.48
C PHE C 125 -1.57 -19.81 33.42
N PRO C 126 -1.97 -20.94 32.83
CA PRO C 126 -1.07 -21.62 31.91
C PRO C 126 -0.92 -20.89 30.59
N PHE C 127 0.13 -21.22 29.83
CA PHE C 127 0.32 -20.65 28.50
C PHE C 127 -0.66 -21.27 27.52
N ILE C 128 -1.51 -20.44 26.93
CA ILE C 128 -2.56 -20.92 26.06
C ILE C 128 -2.37 -20.38 24.65
N LEU C 129 -2.40 -21.26 23.66
CA LEU C 129 -2.20 -20.87 22.27
C LEU C 129 -3.21 -21.59 21.38
N ALA C 130 -3.97 -20.81 20.60
CA ALA C 130 -4.99 -21.40 19.73
C ALA C 130 -4.31 -21.97 18.51
N VAL C 131 -3.82 -23.19 18.66
CA VAL C 131 -3.05 -23.85 17.63
C VAL C 131 -3.95 -24.31 16.47
N ARG C 132 -3.81 -23.65 15.32
CA ARG C 132 -4.53 -24.05 14.11
C ARG C 132 -3.84 -25.25 13.48
N ASN C 133 -3.66 -26.30 14.28
CA ASN C 133 -2.75 -27.39 13.93
C ASN C 133 -1.43 -26.81 13.45
N ALA C 134 -1.04 -25.70 14.06
CA ALA C 134 0.13 -24.94 13.66
C ALA C 134 1.40 -25.71 13.95
N THR C 135 2.53 -25.08 13.68
CA THR C 135 3.82 -25.75 13.77
C THR C 135 4.51 -25.50 15.11
N LYS C 136 5.52 -26.30 15.39
CA LYS C 136 6.34 -26.13 16.58
C LYS C 136 7.04 -24.78 16.54
N HIS C 137 7.18 -24.22 15.34
CA HIS C 137 7.85 -22.94 15.20
C HIS C 137 6.96 -21.84 15.75
N THR C 138 5.66 -21.93 15.44
CA THR C 138 4.67 -21.01 16.00
C THR C 138 4.63 -21.09 17.52
N VAL C 139 4.62 -22.31 18.03
CA VAL C 139 4.55 -22.54 19.49
C VAL C 139 5.76 -21.92 20.21
N LEU C 140 6.95 -22.24 19.76
CA LEU C 140 8.17 -21.71 20.39
C LEU C 140 8.26 -20.20 20.26
N ALA C 141 7.85 -19.67 19.10
CA ALA C 141 7.87 -18.23 18.88
C ALA C 141 6.91 -17.51 19.81
N ALA C 142 5.69 -18.01 19.91
CA ALA C 142 4.68 -17.43 20.79
C ALA C 142 5.15 -17.38 22.25
N LEU C 143 5.70 -18.50 22.72
CA LEU C 143 6.16 -18.59 24.10
C LEU C 143 7.38 -17.70 24.36
N GLY C 144 8.31 -17.68 23.41
CA GLY C 144 9.48 -16.84 23.51
C GLY C 144 9.13 -15.37 23.61
N GLY C 145 8.09 -14.96 22.88
CA GLY C 145 7.66 -13.58 22.89
C GLY C 145 6.82 -13.23 24.10
N ARG C 146 5.83 -14.06 24.38
CA ARG C 146 4.81 -13.72 25.37
C ARG C 146 5.29 -13.87 26.82
N VAL C 147 6.36 -14.64 27.03
CA VAL C 147 6.93 -14.79 28.37
C VAL C 147 7.56 -13.47 28.83
N GLN C 148 7.74 -12.54 27.89
CA GLN C 148 8.33 -11.24 28.20
C GLN C 148 7.26 -10.17 28.48
N HIS C 149 5.99 -10.54 28.31
CA HIS C 149 4.89 -9.59 28.54
C HIS C 149 4.49 -9.51 30.01
N THR C 150 3.77 -8.44 30.37
CA THR C 150 3.19 -8.33 31.70
C THR C 150 2.02 -9.30 31.84
N PRO C 151 1.72 -9.71 33.09
CA PRO C 151 0.57 -10.60 33.31
C PRO C 151 -0.75 -10.02 32.79
N GLU C 152 -0.93 -8.70 32.88
CA GLU C 152 -2.17 -8.07 32.46
C GLU C 152 -2.36 -8.09 30.94
N GLN C 153 -1.28 -7.92 30.18
CA GLN C 153 -1.41 -8.08 28.74
C GLN C 153 -1.66 -9.55 28.45
N GLU C 154 -0.95 -10.43 29.16
CA GLU C 154 -1.09 -11.86 28.91
C GLU C 154 -2.49 -12.37 29.25
N PHE C 155 -3.15 -11.73 30.20
CA PHE C 155 -4.50 -12.18 30.54
C PHE C 155 -5.47 -11.86 29.41
N MET C 156 -5.27 -10.72 28.78
CA MET C 156 -6.10 -10.33 27.64
C MET C 156 -5.82 -11.28 26.47
N VAL C 157 -4.55 -11.59 26.27
CA VAL C 157 -4.16 -12.48 25.17
C VAL C 157 -4.69 -13.90 25.38
N ALA C 158 -4.57 -14.41 26.60
CA ALA C 158 -5.05 -15.77 26.90
C ALA C 158 -6.54 -15.90 26.63
N LEU C 159 -7.31 -14.90 27.09
CA LEU C 159 -8.73 -14.87 26.84
C LEU C 159 -9.03 -14.91 25.33
N GLU C 160 -8.28 -14.13 24.56
CA GLU C 160 -8.46 -14.14 23.11
C GLU C 160 -8.23 -15.55 22.55
N GLN C 161 -7.16 -16.19 22.99
CA GLN C 161 -6.85 -17.56 22.57
C GLN C 161 -7.98 -18.56 22.93
N VAL C 162 -8.55 -18.41 24.12
CA VAL C 162 -9.63 -19.28 24.56
C VAL C 162 -10.86 -19.17 23.66
N HIS C 163 -11.20 -17.94 23.26
CA HIS C 163 -12.34 -17.72 22.38
C HIS C 163 -12.07 -18.28 20.98
N LYS C 164 -10.83 -18.17 20.50
CA LYS C 164 -10.47 -18.75 19.21
C LYS C 164 -10.60 -20.27 19.24
N ILE C 165 -10.16 -20.86 20.34
CA ILE C 165 -10.24 -22.31 20.53
C ILE C 165 -11.72 -22.74 20.57
N ALA C 166 -12.54 -21.94 21.23
CA ALA C 166 -13.97 -22.23 21.32
C ALA C 166 -14.62 -22.20 19.94
N TRP C 167 -14.24 -21.22 19.14
CA TRP C 167 -14.81 -21.03 17.80
C TRP C 167 -14.50 -22.24 16.91
N MET C 168 -13.27 -22.74 17.02
CA MET C 168 -12.86 -23.88 16.22
C MET C 168 -13.56 -25.15 16.68
N ARG C 169 -13.77 -25.30 17.99
CA ARG C 169 -14.50 -26.45 18.49
C ARG C 169 -15.97 -26.39 18.04
N LEU C 170 -16.54 -25.19 18.06
CA LEU C 170 -17.90 -24.98 17.59
C LEU C 170 -18.04 -25.33 16.09
N LEU C 171 -17.08 -24.91 15.27
CA LEU C 171 -17.09 -25.24 13.85
C LEU C 171 -17.06 -26.75 13.61
N SER C 172 -16.35 -27.47 14.48
CA SER C 172 -16.26 -28.93 14.34
C SER C 172 -17.56 -29.65 14.70
N LYS C 173 -18.39 -29.02 15.54
CA LYS C 173 -19.63 -29.65 16.01
C LYS C 173 -20.87 -29.24 15.22
N ILE C 174 -20.80 -28.11 14.54
CA ILE C 174 -21.96 -27.55 13.84
C ILE C 174 -21.89 -27.76 12.33
N ASP C 175 -22.99 -28.24 11.76
CA ASP C 175 -23.15 -28.35 10.31
C ASP C 175 -23.36 -26.96 9.71
N THR C 176 -22.37 -26.47 8.97
CA THR C 176 -22.44 -25.14 8.37
C THR C 176 -22.64 -25.19 6.85
N SER C 177 -23.16 -26.29 6.34
CA SER C 177 -23.32 -26.47 4.91
C SER C 177 -24.24 -25.43 4.26
N ASP C 178 -25.17 -24.89 5.04
CA ASP C 178 -26.07 -23.84 4.56
C ASP C 178 -25.60 -22.42 4.90
N ALA C 179 -24.32 -22.27 5.27
CA ALA C 179 -23.76 -20.95 5.50
C ALA C 179 -23.83 -20.12 4.21
N GLN C 180 -23.92 -18.80 4.34
CA GLN C 180 -24.14 -17.93 3.19
C GLN C 180 -22.94 -17.03 2.85
N GLY C 181 -21.76 -17.37 3.37
CA GLY C 181 -20.57 -16.58 3.08
C GLY C 181 -20.10 -16.78 1.65
N PHE C 182 -19.22 -15.91 1.19
CA PHE C 182 -18.72 -16.00 -0.18
C PHE C 182 -17.44 -15.19 -0.36
N LEU C 183 -16.70 -15.53 -1.42
CA LEU C 183 -15.40 -14.94 -1.73
C LEU C 183 -15.44 -14.16 -3.03
N THR C 184 -15.01 -12.89 -2.98
CA THR C 184 -14.96 -12.06 -4.18
C THR C 184 -13.55 -11.52 -4.37
N CYS C 185 -13.29 -11.00 -5.55
CA CYS C 185 -11.98 -10.50 -5.91
C CYS C 185 -12.12 -9.27 -6.78
N HIS C 186 -11.12 -8.40 -6.75
CA HIS C 186 -11.09 -7.24 -7.63
C HIS C 186 -9.63 -6.92 -7.93
N VAL C 187 -9.32 -6.59 -9.17
CA VAL C 187 -7.97 -6.20 -9.50
C VAL C 187 -7.93 -4.79 -10.07
N LEU C 188 -7.13 -3.93 -9.43
CA LEU C 188 -6.96 -2.58 -9.92
C LEU C 188 -5.53 -2.35 -10.38
N ASP C 189 -5.39 -1.81 -11.59
CA ASP C 189 -4.09 -1.45 -12.17
C ASP C 189 -3.74 -0.05 -11.71
N THR C 190 -2.84 0.05 -10.73
CA THR C 190 -2.44 1.33 -10.16
C THR C 190 -1.40 2.01 -11.02
N GLY C 191 -0.86 1.27 -11.99
CA GLY C 191 0.08 1.85 -12.94
C GLY C 191 -0.64 2.70 -13.97
N ASN C 192 -1.88 2.31 -14.30
CA ASN C 192 -2.65 3.02 -15.31
C ASN C 192 -3.96 3.63 -14.77
N GLY C 193 -4.29 3.29 -13.52
CA GLY C 193 -5.44 3.89 -12.86
C GLY C 193 -6.78 3.36 -13.35
N CYS C 194 -6.83 2.07 -13.64
CA CYS C 194 -8.05 1.45 -14.16
C CYS C 194 -8.23 0.04 -13.64
N PRO C 195 -9.47 -0.47 -13.63
CA PRO C 195 -9.63 -1.90 -13.30
C PRO C 195 -8.87 -2.72 -14.33
N ALA C 196 -8.29 -3.84 -13.91
CA ALA C 196 -7.55 -4.69 -14.83
C ALA C 196 -8.50 -5.68 -15.53
N GLU C 197 -8.72 -5.47 -16.83
CA GLU C 197 -9.68 -6.26 -17.58
C GLU C 197 -9.04 -7.46 -18.27
N LYS C 198 -9.75 -8.59 -18.24
CA LYS C 198 -9.32 -9.83 -18.88
C LYS C 198 -8.03 -10.41 -18.31
N MET C 199 -7.78 -10.19 -17.03
CA MET C 199 -6.68 -10.87 -16.34
C MET C 199 -7.11 -12.27 -15.93
N ARG C 200 -6.30 -13.27 -16.25
CA ARG C 200 -6.55 -14.62 -15.77
C ARG C 200 -6.20 -14.73 -14.29
N ILE C 201 -7.06 -15.42 -13.55
CA ILE C 201 -6.92 -15.62 -12.11
C ILE C 201 -7.28 -17.05 -11.75
N HIS C 202 -6.35 -17.80 -11.16
CA HIS C 202 -6.69 -19.13 -10.66
C HIS C 202 -6.80 -19.13 -9.14
N LEU C 203 -7.57 -20.08 -8.63
CA LEU C 203 -7.71 -20.25 -7.18
C LEU C 203 -7.54 -21.73 -6.83
N HIS C 204 -6.68 -22.00 -5.86
CA HIS C 204 -6.51 -23.34 -5.33
C HIS C 204 -6.85 -23.38 -3.84
N ARG C 205 -7.36 -24.51 -3.37
CA ARG C 205 -7.47 -24.76 -1.93
C ARG C 205 -6.24 -25.53 -1.49
N LEU C 206 -5.57 -25.04 -0.45
CA LEU C 206 -4.34 -25.69 0.02
C LEU C 206 -4.63 -26.65 1.16
N SER C 207 -5.58 -26.29 2.01
CA SER C 207 -5.94 -27.10 3.17
C SER C 207 -7.40 -26.84 3.56
N PRO C 208 -8.04 -27.79 4.26
CA PRO C 208 -7.58 -29.14 4.65
C PRO C 208 -7.32 -30.02 3.43
N PRO C 209 -6.42 -31.01 3.57
CA PRO C 209 -5.93 -31.79 2.43
C PRO C 209 -6.99 -32.60 1.69
N GLU C 210 -8.12 -32.86 2.36
CA GLU C 210 -9.15 -33.70 1.78
C GLU C 210 -9.87 -33.02 0.61
N MET C 211 -9.91 -31.68 0.64
CA MET C 211 -10.60 -30.93 -0.41
C MET C 211 -9.64 -30.03 -1.17
N ALA C 212 -8.34 -30.23 -0.93
CA ALA C 212 -7.31 -29.42 -1.56
C ALA C 212 -7.28 -29.64 -3.08
N GLY C 213 -6.74 -28.66 -3.80
CA GLY C 213 -6.68 -28.73 -5.24
C GLY C 213 -7.31 -27.53 -5.91
N LEU C 214 -7.35 -27.55 -7.23
CA LEU C 214 -7.94 -26.45 -8.00
C LEU C 214 -9.43 -26.30 -7.74
N VAL C 215 -9.86 -25.09 -7.46
CA VAL C 215 -11.28 -24.83 -7.26
C VAL C 215 -11.86 -24.09 -8.46
N GLY C 216 -11.01 -23.41 -9.22
CA GLY C 216 -11.49 -22.72 -10.39
C GLY C 216 -10.47 -21.87 -11.14
N GLU C 217 -10.74 -21.69 -12.43
CA GLU C 217 -10.00 -20.74 -13.24
C GLU C 217 -10.97 -19.64 -13.67
N PHE C 218 -10.52 -18.40 -13.54
CA PHE C 218 -11.38 -17.24 -13.74
C PHE C 218 -10.72 -16.21 -14.64
N VAL C 219 -11.50 -15.25 -15.11
CA VAL C 219 -10.97 -14.10 -15.84
C VAL C 219 -11.72 -12.84 -15.38
N THR C 220 -11.06 -11.69 -15.37
CA THR C 220 -11.73 -10.47 -14.91
C THR C 220 -12.56 -9.83 -16.01
N ASN C 221 -13.63 -9.14 -15.61
CA ASN C 221 -14.47 -8.40 -16.55
C ASN C 221 -14.06 -6.93 -16.65
N ASP C 222 -14.95 -6.13 -17.24
CA ASP C 222 -14.73 -4.69 -17.46
C ASP C 222 -14.44 -3.93 -16.18
N ASP C 223 -14.99 -4.40 -15.07
CA ASP C 223 -14.87 -3.71 -13.80
C ASP C 223 -13.76 -4.31 -12.94
N GLY C 224 -12.99 -5.21 -13.53
CA GLY C 224 -11.89 -5.85 -12.82
C GLY C 224 -12.36 -6.90 -11.81
N ARG C 225 -13.61 -7.30 -11.93
CA ARG C 225 -14.17 -8.31 -11.03
C ARG C 225 -14.26 -9.64 -11.78
N LEU C 226 -14.49 -10.73 -11.06
CA LEU C 226 -14.52 -12.04 -11.72
C LEU C 226 -15.76 -12.21 -12.59
N GLU C 227 -15.56 -12.63 -13.84
CA GLU C 227 -16.68 -13.00 -14.70
C GLU C 227 -17.42 -14.20 -14.09
N GLY C 228 -18.73 -14.09 -13.95
CA GLY C 228 -19.51 -15.19 -13.41
C GLY C 228 -19.72 -15.12 -11.91
N GLY C 229 -19.24 -14.05 -11.28
CA GLY C 229 -19.52 -13.81 -9.88
C GLY C 229 -18.48 -14.33 -8.91
N PRO C 230 -18.87 -14.50 -7.63
CA PRO C 230 -17.96 -14.99 -6.60
C PRO C 230 -17.31 -16.32 -6.94
N ALA C 231 -16.03 -16.44 -6.63
CA ALA C 231 -15.26 -17.64 -6.88
C ALA C 231 -15.81 -18.80 -6.05
N LEU C 232 -16.28 -18.48 -4.85
CA LEU C 232 -16.84 -19.47 -3.91
C LEU C 232 -18.05 -18.88 -3.22
N LYS C 233 -19.10 -19.68 -3.06
CA LYS C 233 -20.32 -19.21 -2.40
C LYS C 233 -21.01 -20.33 -1.64
N GLY C 234 -21.41 -20.06 -0.41
CA GLY C 234 -22.15 -21.03 0.38
C GLY C 234 -21.30 -22.04 1.12
N GLY C 235 -21.85 -22.55 2.22
CA GLY C 235 -21.14 -23.43 3.13
C GLY C 235 -20.61 -24.75 2.58
N LYS C 236 -20.93 -25.07 1.33
CA LYS C 236 -20.42 -26.30 0.74
C LYS C 236 -19.15 -26.09 -0.10
N GLU C 237 -18.93 -24.89 -0.60
CA GLU C 237 -17.68 -24.62 -1.31
C GLU C 237 -16.87 -23.51 -0.64
N PHE C 238 -17.55 -22.54 -0.02
CA PHE C 238 -16.88 -21.51 0.76
C PHE C 238 -16.62 -22.02 2.17
N THR C 239 -15.58 -22.82 2.32
CA THR C 239 -15.31 -23.52 3.57
C THR C 239 -14.01 -23.07 4.22
N VAL C 240 -13.92 -23.27 5.53
CA VAL C 240 -12.75 -22.88 6.29
C VAL C 240 -11.49 -23.61 5.82
N GLY C 241 -10.39 -22.87 5.65
CA GLY C 241 -9.14 -23.46 5.19
C GLY C 241 -8.18 -22.44 4.62
N GLN C 242 -7.10 -22.93 4.02
CA GLN C 242 -6.13 -22.05 3.38
C GLN C 242 -6.26 -22.12 1.86
N TYR C 243 -6.20 -20.96 1.22
CA TYR C 243 -6.37 -20.85 -0.22
C TYR C 243 -5.21 -20.07 -0.84
N GLU C 244 -5.13 -20.09 -2.16
CA GLU C 244 -4.13 -19.29 -2.84
C GLU C 244 -4.64 -18.84 -4.20
N TRP C 245 -4.71 -17.54 -4.38
CA TRP C 245 -4.92 -16.96 -5.71
C TRP C 245 -3.65 -17.07 -6.52
N THR C 246 -3.79 -17.22 -7.83
CA THR C 246 -2.69 -17.00 -8.74
C THR C 246 -3.12 -15.92 -9.74
N PHE C 247 -2.51 -14.73 -9.67
CA PHE C 247 -2.83 -13.68 -10.63
C PHE C 247 -1.81 -13.64 -11.76
N PHE C 248 -2.29 -13.73 -13.00
CA PHE C 248 -1.38 -13.71 -14.14
C PHE C 248 -1.18 -12.27 -14.66
N CYS C 249 -0.43 -11.50 -13.87
CA CYS C 249 -0.28 -10.07 -14.14
C CYS C 249 0.64 -9.79 -15.32
N GLY C 250 1.66 -10.63 -15.49
CA GLY C 250 2.58 -10.49 -16.60
C GLY C 250 1.88 -10.45 -17.94
N GLU C 251 0.95 -11.39 -18.13
CA GLU C 251 0.12 -11.45 -19.33
C GLU C 251 -0.64 -10.15 -19.54
N TYR C 252 -1.21 -9.64 -18.45
CA TYR C 252 -2.02 -8.43 -18.51
C TYR C 252 -1.22 -7.20 -18.93
N PHE C 253 -0.05 -6.98 -18.32
CA PHE C 253 0.76 -5.81 -18.67
C PHE C 253 1.28 -5.92 -20.09
N ALA C 254 1.58 -7.15 -20.52
CA ALA C 254 2.00 -7.36 -21.90
C ALA C 254 0.91 -6.93 -22.90
N SER C 255 -0.35 -7.17 -22.54
CA SER C 255 -1.47 -6.85 -23.42
C SER C 255 -1.64 -5.34 -23.61
N LYS C 256 -1.14 -4.57 -22.65
CA LYS C 256 -1.25 -3.12 -22.73
C LYS C 256 0.04 -2.50 -23.27
N GLY C 257 1.04 -3.34 -23.51
CA GLY C 257 2.35 -2.86 -23.92
C GLY C 257 3.04 -2.04 -22.83
N THR C 258 2.62 -2.25 -21.59
CA THR C 258 3.22 -1.56 -20.45
C THR C 258 4.67 -1.97 -20.30
N PHE C 259 5.55 -1.00 -20.06
CA PHE C 259 6.96 -1.33 -19.95
C PHE C 259 7.24 -2.21 -18.75
N THR C 260 7.90 -3.33 -18.99
CA THR C 260 8.36 -4.23 -17.93
C THR C 260 9.77 -4.72 -18.27
N SER C 261 10.49 -5.19 -17.26
CA SER C 261 11.82 -5.75 -17.48
C SER C 261 11.72 -7.05 -18.27
N GLY C 262 12.80 -7.40 -18.98
CA GLY C 262 12.85 -8.64 -19.74
C GLY C 262 12.50 -9.83 -18.88
N GLN C 263 13.15 -9.91 -17.72
CA GLN C 263 12.69 -10.76 -16.62
C GLN C 263 11.86 -9.85 -15.73
N PRO C 264 10.52 -9.89 -15.88
CA PRO C 264 9.69 -8.89 -15.22
C PRO C 264 9.81 -8.96 -13.71
N PHE C 265 9.74 -7.80 -13.05
CA PHE C 265 9.79 -7.79 -11.60
C PHE C 265 8.60 -8.58 -11.07
N LEU C 266 7.44 -8.35 -11.66
CA LEU C 266 6.24 -9.11 -11.32
C LEU C 266 5.65 -9.76 -12.56
N ASP C 267 5.43 -11.06 -12.47
CA ASP C 267 4.86 -11.81 -13.58
C ASP C 267 3.59 -12.51 -13.10
N THR C 268 3.78 -13.62 -12.40
CA THR C 268 2.69 -14.34 -11.77
C THR C 268 2.71 -14.05 -10.27
N ILE C 269 1.58 -13.63 -9.71
CA ILE C 269 1.53 -13.27 -8.30
C ILE C 269 0.68 -14.24 -7.48
N PRO C 270 1.33 -14.98 -6.57
CA PRO C 270 0.58 -15.83 -5.64
C PRO C 270 0.07 -15.03 -4.45
N LEU C 271 -1.14 -15.32 -4.01
CA LEU C 271 -1.69 -14.63 -2.85
C LEU C 271 -2.33 -15.66 -1.95
N ARG C 272 -1.63 -15.99 -0.86
CA ARG C 272 -2.04 -17.06 0.03
C ARG C 272 -2.77 -16.51 1.24
N PHE C 273 -3.97 -17.02 1.50
CA PHE C 273 -4.82 -16.46 2.55
C PHE C 273 -5.71 -17.51 3.19
N GLY C 274 -6.16 -17.24 4.40
CA GLY C 274 -7.05 -18.16 5.10
C GLY C 274 -8.45 -17.63 5.30
N ILE C 275 -9.42 -18.55 5.25
CA ILE C 275 -10.81 -18.23 5.54
C ILE C 275 -11.20 -18.84 6.88
N ASP C 276 -11.72 -18.02 7.80
CA ASP C 276 -11.95 -18.47 9.18
C ASP C 276 -13.43 -18.60 9.53
N ASN C 277 -14.30 -17.96 8.76
CA ASN C 277 -15.73 -17.93 9.07
C ASN C 277 -16.61 -18.10 7.83
N PRO C 278 -17.33 -19.23 7.74
CA PRO C 278 -18.16 -19.57 6.59
C PRO C 278 -19.36 -18.63 6.41
N ASP C 279 -19.70 -17.87 7.44
CA ASP C 279 -20.79 -16.89 7.35
C ASP C 279 -20.39 -15.61 6.61
N ASP C 280 -19.10 -15.29 6.62
CA ASP C 280 -18.64 -13.96 6.23
C ASP C 280 -18.41 -13.77 4.74
N HIS C 281 -18.54 -12.52 4.30
CA HIS C 281 -18.12 -12.13 2.96
C HIS C 281 -16.64 -11.74 2.97
N TYR C 282 -15.81 -12.53 2.30
CA TYR C 282 -14.39 -12.19 2.15
C TYR C 282 -14.15 -11.55 0.79
N HIS C 283 -13.61 -10.34 0.81
CA HIS C 283 -13.20 -9.65 -0.42
C HIS C 283 -11.69 -9.52 -0.40
N VAL C 284 -11.01 -10.21 -1.30
CA VAL C 284 -9.56 -10.30 -1.26
C VAL C 284 -8.97 -9.78 -2.57
N PRO C 285 -8.78 -8.46 -2.66
CA PRO C 285 -8.42 -7.81 -3.91
C PRO C 285 -6.92 -7.67 -4.14
N LEU C 286 -6.56 -7.23 -5.32
CA LEU C 286 -5.18 -6.96 -5.67
C LEU C 286 -5.04 -5.57 -6.28
N LEU C 287 -4.13 -4.79 -5.72
CA LEU C 287 -3.76 -3.51 -6.30
C LEU C 287 -2.36 -3.72 -6.86
N VAL C 288 -2.15 -3.43 -8.14
CA VAL C 288 -0.91 -3.86 -8.78
C VAL C 288 -0.41 -2.92 -9.88
N SER C 289 0.90 -2.71 -9.85
CA SER C 289 1.64 -2.07 -10.94
C SER C 289 2.72 -3.07 -11.37
N PRO C 290 3.46 -2.79 -12.46
CA PRO C 290 4.58 -3.69 -12.77
C PRO C 290 5.65 -3.72 -11.67
N TRP C 291 5.60 -2.76 -10.75
CA TRP C 291 6.68 -2.56 -9.78
C TRP C 291 6.26 -2.65 -8.31
N SER C 292 5.00 -2.97 -8.08
CA SER C 292 4.48 -3.00 -6.71
C SER C 292 3.16 -3.73 -6.67
N PHE C 293 2.80 -4.25 -5.50
CA PHE C 293 1.43 -4.69 -5.31
C PHE C 293 1.08 -4.73 -3.84
N SER C 294 -0.21 -4.70 -3.58
CA SER C 294 -0.74 -4.73 -2.21
C SER C 294 -2.05 -5.48 -2.19
N THR C 295 -2.39 -6.01 -1.02
CA THR C 295 -3.67 -6.65 -0.85
C THR C 295 -4.09 -6.52 0.60
N TYR C 296 -5.36 -6.84 0.87
CA TYR C 296 -5.88 -6.69 2.22
C TYR C 296 -7.15 -7.50 2.39
N ARG C 297 -7.56 -7.65 3.64
CA ARG C 297 -8.80 -8.32 4.00
C ARG C 297 -9.96 -7.33 3.91
N GLY C 298 -10.75 -7.45 2.84
CA GLY C 298 -11.92 -6.61 2.68
C GLY C 298 -13.22 -7.32 3.04
N SER C 299 -14.29 -6.54 3.16
CA SER C 299 -15.60 -7.10 3.52
C SER C 299 -16.69 -6.63 2.55
N PRO D 4 13.35 23.68 32.46
CA PRO D 4 13.71 22.32 32.04
C PRO D 4 15.17 22.01 32.33
N VAL D 5 15.44 20.76 32.67
CA VAL D 5 16.78 20.33 33.04
C VAL D 5 17.23 19.21 32.11
N THR D 6 18.52 19.14 31.82
CA THR D 6 19.01 18.05 30.99
C THR D 6 19.04 16.78 31.81
N VAL D 7 18.95 15.65 31.11
CA VAL D 7 19.07 14.35 31.73
C VAL D 7 20.36 14.24 32.55
N LYS D 8 21.48 14.61 31.93
CA LYS D 8 22.78 14.55 32.60
C LYS D 8 22.86 15.38 33.88
N ASP D 9 22.26 16.57 33.88
CA ASP D 9 22.30 17.41 35.08
C ASP D 9 21.39 16.87 36.17
N LEU D 10 20.19 16.44 35.78
CA LEU D 10 19.26 15.82 36.71
C LEU D 10 19.91 14.67 37.46
N LEU D 11 20.61 13.80 36.74
CA LEU D 11 21.16 12.60 37.36
C LEU D 11 22.48 12.85 38.10
N SER D 12 22.92 14.09 38.16
CA SER D 12 24.08 14.42 38.99
C SER D 12 23.63 14.93 40.35
N LYS D 13 22.32 15.13 40.49
CA LYS D 13 21.74 15.62 41.73
C LYS D 13 21.66 14.50 42.78
N PRO D 14 21.56 14.87 44.07
CA PRO D 14 21.35 13.87 45.12
C PRO D 14 20.05 13.09 44.91
N SER D 15 20.01 11.87 45.43
CA SER D 15 18.89 10.95 45.21
C SER D 15 17.54 11.55 45.61
N ALA D 16 17.49 12.23 46.75
CA ALA D 16 16.24 12.81 47.24
C ALA D 16 15.73 13.90 46.29
N GLU D 17 16.66 14.64 45.69
CA GLU D 17 16.30 15.72 44.78
C GLU D 17 15.73 15.16 43.47
N ILE D 18 16.31 14.06 43.02
CA ILE D 18 15.86 13.39 41.79
C ILE D 18 14.47 12.80 42.01
N ALA D 19 14.27 12.17 43.16
CA ALA D 19 12.98 11.56 43.49
C ALA D 19 11.88 12.61 43.57
N SER D 20 12.23 13.81 44.04
CA SER D 20 11.25 14.90 44.17
C SER D 20 10.95 15.54 42.81
N PHE D 21 11.97 15.63 41.96
CA PHE D 21 11.81 16.18 40.63
C PHE D 21 10.89 15.29 39.79
N LEU D 22 11.10 13.98 39.88
CA LEU D 22 10.36 13.03 39.06
C LEU D 22 9.08 12.51 39.74
N GLY D 23 8.83 12.98 40.96
CA GLY D 23 7.74 12.46 41.76
C GLY D 23 6.37 12.56 41.12
N GLY D 24 6.18 13.55 40.24
CA GLY D 24 4.87 13.79 39.65
C GLY D 24 4.71 13.31 38.22
N ILE D 25 5.72 12.62 37.70
CA ILE D 25 5.67 12.06 36.35
C ILE D 25 4.47 11.12 36.23
N TYR D 26 4.35 10.19 37.18
CA TYR D 26 3.12 9.42 37.35
C TYR D 26 2.35 10.06 38.49
N GLU D 27 1.35 10.88 38.18
CA GLU D 27 0.72 11.73 39.18
C GLU D 27 0.10 10.96 40.34
N HIS D 28 0.37 11.44 41.54
CA HIS D 28 -0.06 10.83 42.80
C HIS D 28 0.58 9.46 42.99
N SER D 29 1.66 9.20 42.27
CA SER D 29 2.40 7.95 42.40
C SER D 29 3.90 8.23 42.49
N ALA D 30 4.29 9.01 43.49
CA ALA D 30 5.68 9.41 43.65
C ALA D 30 6.57 8.21 43.96
N TRP D 31 5.97 7.09 44.36
CA TRP D 31 6.72 5.89 44.70
C TRP D 31 7.51 5.33 43.52
N VAL D 32 7.07 5.63 42.30
CA VAL D 32 7.78 5.20 41.10
C VAL D 32 9.17 5.83 41.05
N ALA D 33 9.24 7.13 41.28
CA ALA D 33 10.50 7.85 41.25
C ALA D 33 11.40 7.46 42.42
N GLU D 34 10.79 7.17 43.57
CA GLU D 34 11.54 6.72 44.74
C GLU D 34 12.21 5.38 44.45
N ALA D 35 11.49 4.49 43.78
CA ALA D 35 12.02 3.18 43.43
C ALA D 35 13.18 3.32 42.43
N LEU D 36 13.05 4.26 41.51
CA LEU D 36 14.08 4.49 40.50
C LEU D 36 15.43 4.87 41.12
N VAL D 37 15.39 5.84 42.01
CA VAL D 37 16.64 6.36 42.59
C VAL D 37 17.27 5.37 43.55
N LYS D 38 16.50 4.35 43.93
CA LYS D 38 17.00 3.31 44.83
C LYS D 38 17.95 2.37 44.12
N ASP D 39 17.85 2.32 42.80
CA ASP D 39 18.71 1.44 42.00
C ASP D 39 19.83 2.23 41.34
N ALA D 40 20.90 2.48 42.08
CA ALA D 40 22.00 3.31 41.62
C ALA D 40 22.67 2.77 40.35
N GLU D 41 22.60 1.45 40.17
CA GLU D 41 23.21 0.80 39.02
C GLU D 41 22.53 1.22 37.72
N SER D 42 21.20 1.25 37.73
CA SER D 42 20.43 1.63 36.54
C SER D 42 20.40 3.14 36.37
N LEU D 43 20.48 3.86 37.50
CA LEU D 43 20.50 5.31 37.49
C LEU D 43 21.74 5.81 36.75
N ALA D 44 22.80 5.01 36.81
CA ALA D 44 24.08 5.39 36.21
C ALA D 44 24.14 5.05 34.72
N SER D 45 23.22 4.20 34.25
CA SER D 45 23.24 3.77 32.86
C SER D 45 22.38 4.65 31.96
N ILE D 46 21.54 5.47 32.57
CA ILE D 46 20.62 6.33 31.81
C ILE D 46 21.34 7.53 31.20
N GLU D 47 21.19 7.71 29.89
CA GLU D 47 21.85 8.80 29.17
C GLU D 47 20.87 9.64 28.36
N THR D 48 19.78 9.03 27.92
CA THR D 48 18.78 9.71 27.12
C THR D 48 17.44 9.79 27.84
N ILE D 49 16.56 10.67 27.37
CA ILE D 49 15.24 10.78 27.99
C ILE D 49 14.45 9.51 27.70
N SER D 50 14.77 8.83 26.59
CA SER D 50 14.09 7.58 26.24
C SER D 50 14.44 6.49 27.25
N GLN D 51 15.70 6.50 27.70
CA GLN D 51 16.14 5.52 28.68
C GLN D 51 15.58 5.83 30.07
N LEU D 52 15.41 7.10 30.38
CA LEU D 52 14.81 7.50 31.65
C LEU D 52 13.34 7.06 31.71
N ALA D 53 12.60 7.30 30.63
CA ALA D 53 11.20 6.87 30.58
C ALA D 53 11.08 5.35 30.67
N ALA D 54 11.97 4.65 29.98
CA ALA D 54 11.92 3.19 29.96
C ALA D 54 12.20 2.60 31.34
N ALA D 55 13.10 3.25 32.08
CA ALA D 55 13.43 2.81 33.44
C ALA D 55 12.21 2.90 34.34
N MET D 56 11.52 4.04 34.30
CA MET D 56 10.36 4.27 35.15
C MET D 56 9.19 3.37 34.73
N LYS D 57 9.06 3.16 33.42
CA LYS D 57 8.04 2.27 32.89
C LYS D 57 8.27 0.85 33.38
N ALA D 58 9.54 0.43 33.40
CA ALA D 58 9.93 -0.90 33.87
C ALA D 58 9.54 -1.13 35.34
N ILE D 59 9.72 -0.09 36.16
CA ILE D 59 9.33 -0.15 37.57
C ILE D 59 7.83 -0.38 37.71
N VAL D 60 7.05 0.35 36.93
CA VAL D 60 5.60 0.20 36.94
C VAL D 60 5.20 -1.19 36.45
N ASN D 61 5.74 -1.59 35.30
CA ASN D 61 5.32 -2.85 34.69
C ASN D 61 5.71 -4.08 35.51
N LYS D 62 6.73 -3.96 36.34
CA LYS D 62 7.16 -5.09 37.16
C LYS D 62 6.51 -5.10 38.54
N SER D 63 5.68 -4.11 38.82
CA SER D 63 5.00 -4.05 40.11
C SER D 63 3.82 -5.02 40.13
N SER D 64 3.25 -5.25 41.32
CA SER D 64 2.16 -6.21 41.45
C SER D 64 0.87 -5.69 40.83
N LYS D 65 -0.10 -6.58 40.69
CA LYS D 65 -1.41 -6.21 40.15
C LYS D 65 -2.07 -5.16 41.04
N ASP D 66 -1.99 -5.36 42.36
CA ASP D 66 -2.57 -4.44 43.32
C ASP D 66 -1.95 -3.04 43.18
N GLN D 67 -0.63 -2.98 43.07
CA GLN D 67 0.05 -1.70 42.94
C GLN D 67 -0.29 -1.02 41.61
N LYS D 68 -0.43 -1.80 40.55
CA LYS D 68 -0.88 -1.24 39.27
C LYS D 68 -2.30 -0.70 39.37
N LEU D 69 -3.18 -1.45 40.02
CA LEU D 69 -4.55 -1.00 40.23
C LEU D 69 -4.59 0.28 41.07
N GLU D 70 -3.75 0.35 42.10
CA GLU D 70 -3.67 1.53 42.95
C GLU D 70 -3.18 2.74 42.15
N LEU D 71 -2.26 2.49 41.21
CA LEU D 71 -1.75 3.54 40.36
C LEU D 71 -2.84 4.09 39.44
N LEU D 72 -3.65 3.20 38.87
CA LEU D 72 -4.77 3.63 38.03
C LEU D 72 -5.76 4.46 38.83
N CYS D 73 -6.09 4.01 40.04
CA CYS D 73 -7.09 4.71 40.84
C CYS D 73 -6.57 6.03 41.40
N ALA D 74 -5.25 6.13 41.52
CA ALA D 74 -4.62 7.36 42.01
C ALA D 74 -4.64 8.44 40.94
N HIS D 75 -4.78 8.01 39.69
CA HIS D 75 -4.82 8.93 38.56
C HIS D 75 -6.08 9.79 38.64
N PRO D 76 -5.91 11.11 38.42
CA PRO D 76 -7.02 12.07 38.48
C PRO D 76 -8.17 11.72 37.53
N ASP D 77 -9.40 11.88 37.99
CA ASP D 77 -10.57 11.62 37.16
C ASP D 77 -10.64 12.66 36.04
N LEU D 78 -11.05 12.22 34.86
CA LEU D 78 -11.15 13.10 33.69
C LEU D 78 -12.49 13.83 33.66
N SER D 103 -15.91 22.29 26.67
CA SER D 103 -17.00 23.05 26.06
C SER D 103 -18.09 22.12 25.54
N LEU D 104 -18.41 21.09 26.33
CA LEU D 104 -19.47 20.15 25.95
C LEU D 104 -20.82 20.84 25.95
N THR D 105 -21.72 20.36 25.09
CA THR D 105 -23.11 20.81 25.13
C THR D 105 -23.80 20.13 26.31
N ASP D 106 -25.01 20.57 26.62
CA ASP D 106 -25.76 20.03 27.74
C ASP D 106 -25.95 18.51 27.61
N ALA D 107 -26.28 18.06 26.40
CA ALA D 107 -26.53 16.65 26.16
C ALA D 107 -25.23 15.84 26.09
N GLU D 108 -24.16 16.47 25.62
CA GLU D 108 -22.85 15.83 25.55
C GLU D 108 -22.31 15.56 26.95
N LEU D 109 -22.51 16.54 27.83
CA LEU D 109 -22.06 16.45 29.21
C LEU D 109 -22.85 15.39 29.98
N GLU D 110 -24.15 15.31 29.71
CA GLU D 110 -25.00 14.30 30.33
C GLU D 110 -24.54 12.90 29.90
N ARG D 111 -24.28 12.73 28.60
CA ARG D 111 -23.86 11.44 28.08
C ARG D 111 -22.49 11.03 28.62
N PHE D 112 -21.63 12.03 28.85
CA PHE D 112 -20.29 11.82 29.37
C PHE D 112 -20.34 11.17 30.75
N ASN D 113 -20.80 11.97 31.69
CA ASN D 113 -21.38 11.59 32.96
C ASN D 113 -21.95 10.17 33.11
N SER D 114 -22.87 9.80 32.25
CA SER D 114 -23.43 8.45 32.32
C SER D 114 -22.40 7.37 31.97
N LEU D 115 -21.68 7.59 30.87
CA LEU D 115 -20.68 6.63 30.42
C LEU D 115 -19.46 6.61 31.35
N ASN D 116 -19.04 7.78 31.82
CA ASN D 116 -17.92 7.88 32.73
C ASN D 116 -18.21 7.12 34.03
N GLY D 117 -19.44 7.21 34.50
CA GLY D 117 -19.85 6.54 35.72
C GLY D 117 -19.92 5.04 35.51
N ALA D 118 -20.55 4.64 34.40
CA ALA D 118 -20.68 3.23 34.06
C ALA D 118 -19.32 2.56 33.88
N TYR D 119 -18.37 3.29 33.32
CA TYR D 119 -17.02 2.78 33.12
C TYR D 119 -16.34 2.42 34.45
N ARG D 120 -16.30 3.37 35.38
CA ARG D 120 -15.59 3.17 36.64
C ARG D 120 -16.23 2.06 37.45
N ASP D 121 -17.55 1.99 37.43
CA ASP D 121 -18.29 0.99 38.18
C ASP D 121 -17.95 -0.42 37.72
N GLN D 122 -17.79 -0.60 36.41
CA GLN D 122 -17.58 -1.93 35.85
C GLN D 122 -16.10 -2.31 35.74
N CYS D 123 -15.23 -1.32 35.66
CA CYS D 123 -13.80 -1.59 35.55
C CYS D 123 -13.09 -1.59 36.90
N GLY D 124 -13.58 -0.78 37.83
CA GLY D 124 -12.99 -0.69 39.15
C GLY D 124 -11.89 0.37 39.22
N PHE D 125 -11.63 1.02 38.10
CA PHE D 125 -10.65 2.08 38.01
C PHE D 125 -11.16 3.15 37.04
N PRO D 126 -10.67 4.39 37.15
CA PRO D 126 -11.25 5.47 36.34
C PRO D 126 -10.91 5.39 34.86
N PHE D 127 -11.73 6.03 34.04
CA PHE D 127 -11.47 6.16 32.60
C PHE D 127 -10.27 7.08 32.38
N ILE D 128 -9.20 6.53 31.85
CA ILE D 128 -7.96 7.28 31.65
C ILE D 128 -7.68 7.45 30.16
N LEU D 129 -7.34 8.67 29.76
CA LEU D 129 -7.09 8.99 28.36
C LEU D 129 -6.07 10.11 28.25
N ALA D 130 -5.03 9.92 27.45
CA ALA D 130 -4.04 10.97 27.23
C ALA D 130 -4.64 12.05 26.33
N VAL D 131 -5.00 13.18 26.92
CA VAL D 131 -5.83 14.17 26.23
C VAL D 131 -5.07 15.40 25.72
N ARG D 132 -3.75 15.45 25.95
CA ARG D 132 -2.96 16.62 25.61
C ARG D 132 -3.13 17.03 24.14
N ASN D 133 -3.13 16.04 23.25
CA ASN D 133 -3.28 16.31 21.83
C ASN D 133 -4.64 15.82 21.29
N ALA D 134 -5.65 15.82 22.16
CA ALA D 134 -6.98 15.34 21.79
C ALA D 134 -8.00 16.47 21.82
N THR D 135 -9.22 16.18 21.36
CA THR D 135 -10.32 17.12 21.42
C THR D 135 -11.55 16.49 22.08
N LYS D 136 -12.62 17.26 22.22
CA LYS D 136 -13.85 16.77 22.84
C LYS D 136 -14.43 15.59 22.06
N HIS D 137 -14.21 15.57 20.74
CA HIS D 137 -14.68 14.48 19.90
C HIS D 137 -13.91 13.20 20.22
N THR D 138 -12.61 13.35 20.45
CA THR D 138 -11.75 12.24 20.82
C THR D 138 -12.21 11.58 22.11
N VAL D 139 -12.50 12.41 23.12
CA VAL D 139 -12.91 11.91 24.44
C VAL D 139 -14.21 11.11 24.37
N LEU D 140 -15.25 11.71 23.80
CA LEU D 140 -16.54 11.05 23.68
C LEU D 140 -16.43 9.73 22.91
N ALA D 141 -15.65 9.74 21.83
CA ALA D 141 -15.47 8.54 21.02
C ALA D 141 -14.75 7.46 21.82
N ALA D 142 -13.71 7.86 22.54
CA ALA D 142 -12.95 6.93 23.39
C ALA D 142 -13.85 6.30 24.45
N LEU D 143 -14.57 7.13 25.18
CA LEU D 143 -15.46 6.65 26.23
C LEU D 143 -16.58 5.79 25.63
N GLY D 144 -17.13 6.25 24.51
CA GLY D 144 -18.21 5.54 23.84
C GLY D 144 -17.80 4.14 23.42
N GLY D 145 -16.55 4.01 22.96
CA GLY D 145 -16.05 2.72 22.51
C GLY D 145 -15.56 1.85 23.65
N ARG D 146 -14.79 2.42 24.56
CA ARG D 146 -14.09 1.62 25.56
C ARG D 146 -15.00 1.15 26.69
N VAL D 147 -16.11 1.83 26.91
CA VAL D 147 -17.08 1.37 27.90
C VAL D 147 -17.67 0.00 27.49
N GLN D 148 -17.54 -0.35 26.21
CA GLN D 148 -18.03 -1.62 25.70
C GLN D 148 -17.04 -2.78 25.90
N HIS D 149 -15.81 -2.47 26.30
CA HIS D 149 -14.77 -3.49 26.45
C HIS D 149 -14.84 -4.19 27.80
N THR D 150 -14.19 -5.34 27.88
CA THR D 150 -14.05 -6.06 29.14
C THR D 150 -13.08 -5.30 30.06
N PRO D 151 -13.20 -5.51 31.38
CA PRO D 151 -12.26 -4.87 32.30
C PRO D 151 -10.81 -5.29 32.03
N GLU D 152 -10.62 -6.48 31.48
CA GLU D 152 -9.29 -7.02 31.20
C GLU D 152 -8.60 -6.29 30.06
N GLN D 153 -9.34 -6.03 28.98
CA GLN D 153 -8.79 -5.24 27.89
C GLN D 153 -8.52 -3.83 28.37
N GLU D 154 -9.45 -3.28 29.14
CA GLU D 154 -9.33 -1.90 29.56
C GLU D 154 -8.19 -1.68 30.55
N PHE D 155 -7.85 -2.70 31.34
CA PHE D 155 -6.74 -2.58 32.27
C PHE D 155 -5.44 -2.40 31.49
N MET D 156 -5.33 -3.14 30.40
CA MET D 156 -4.18 -3.01 29.52
C MET D 156 -4.17 -1.65 28.84
N VAL D 157 -5.33 -1.23 28.33
CA VAL D 157 -5.43 0.06 27.65
C VAL D 157 -5.13 1.21 28.62
N ALA D 158 -5.65 1.12 29.85
CA ALA D 158 -5.43 2.16 30.85
C ALA D 158 -3.96 2.32 31.20
N LEU D 159 -3.26 1.20 31.34
CA LEU D 159 -1.83 1.24 31.61
C LEU D 159 -1.06 1.90 30.46
N GLU D 160 -1.43 1.59 29.22
CA GLU D 160 -0.82 2.24 28.06
C GLU D 160 -1.01 3.76 28.11
N GLN D 161 -2.20 4.19 28.51
CA GLN D 161 -2.49 5.60 28.62
C GLN D 161 -1.67 6.28 29.71
N VAL D 162 -1.47 5.63 30.85
CA VAL D 162 -0.71 6.30 31.91
C VAL D 162 0.78 6.43 31.52
N HIS D 163 1.28 5.49 30.73
CA HIS D 163 2.67 5.57 30.28
C HIS D 163 2.84 6.69 29.25
N LYS D 164 1.83 6.87 28.39
CA LYS D 164 1.81 7.98 27.45
C LYS D 164 1.78 9.33 28.16
N ILE D 165 0.94 9.43 29.18
CA ILE D 165 0.80 10.66 29.94
C ILE D 165 2.12 10.98 30.66
N ALA D 166 2.75 9.95 31.20
CA ALA D 166 4.03 10.10 31.91
C ALA D 166 5.12 10.58 30.95
N TRP D 167 5.11 10.03 29.74
CA TRP D 167 6.08 10.42 28.72
C TRP D 167 5.97 11.90 28.43
N MET D 168 4.74 12.39 28.24
CA MET D 168 4.53 13.79 27.90
C MET D 168 4.86 14.73 29.06
N ARG D 169 4.70 14.26 30.30
CA ARG D 169 5.08 15.04 31.46
C ARG D 169 6.61 15.13 31.58
N LEU D 170 7.28 14.03 31.24
CA LEU D 170 8.72 13.96 31.27
C LEU D 170 9.33 14.91 30.24
N LEU D 171 8.75 14.96 29.05
CA LEU D 171 9.20 15.84 27.99
C LEU D 171 9.11 17.31 28.39
N SER D 172 8.08 17.66 29.14
CA SER D 172 7.88 19.04 29.58
C SER D 172 8.90 19.48 30.63
N LYS D 173 9.52 18.54 31.33
CA LYS D 173 10.41 18.86 32.43
C LYS D 173 11.88 18.67 32.09
N ILE D 174 12.14 18.01 30.96
CA ILE D 174 13.50 17.70 30.56
C ILE D 174 13.91 18.47 29.31
N ASP D 175 15.10 19.07 29.37
CA ASP D 175 15.65 19.79 28.23
C ASP D 175 16.27 18.82 27.23
N THR D 176 15.62 18.66 26.08
CA THR D 176 16.06 17.69 25.09
C THR D 176 16.76 18.33 23.89
N SER D 177 17.27 19.54 24.07
CA SER D 177 17.92 20.24 22.96
C SER D 177 19.11 19.46 22.41
N ASP D 178 19.67 18.59 23.24
CA ASP D 178 20.82 17.76 22.88
C ASP D 178 20.48 16.39 22.27
N ALA D 179 19.20 16.12 22.02
CA ALA D 179 18.79 14.83 21.45
C ALA D 179 19.36 14.62 20.03
N GLN D 180 19.48 13.36 19.62
CA GLN D 180 20.17 12.99 18.38
C GLN D 180 19.26 12.41 17.30
N GLY D 181 17.95 12.53 17.47
CA GLY D 181 17.00 12.00 16.50
C GLY D 181 17.00 12.83 15.23
N PHE D 182 16.37 12.30 14.18
CA PHE D 182 16.34 13.00 12.91
C PHE D 182 15.26 12.43 12.01
N LEU D 183 14.92 13.20 10.98
CA LEU D 183 13.83 12.89 10.08
C LEU D 183 14.37 12.73 8.67
N THR D 184 14.07 11.59 8.06
CA THR D 184 14.46 11.36 6.68
C THR D 184 13.24 11.03 5.81
N CYS D 185 13.46 11.05 4.51
CA CYS D 185 12.39 10.88 3.55
C CYS D 185 12.91 10.14 2.32
N HIS D 186 12.03 9.41 1.65
CA HIS D 186 12.40 8.75 0.41
C HIS D 186 11.18 8.75 -0.49
N VAL D 187 11.36 9.01 -1.78
CA VAL D 187 10.25 8.91 -2.72
C VAL D 187 10.54 7.86 -3.79
N LEU D 188 9.65 6.89 -3.91
CA LEU D 188 9.75 5.88 -4.95
C LEU D 188 8.57 5.98 -5.91
N ASP D 189 8.91 6.02 -7.20
CA ASP D 189 7.92 6.08 -8.29
C ASP D 189 7.50 4.65 -8.62
N THR D 190 6.31 4.24 -8.15
CA THR D 190 5.85 2.87 -8.34
C THR D 190 5.20 2.67 -9.70
N GLY D 191 4.99 3.77 -10.43
CA GLY D 191 4.51 3.70 -11.79
C GLY D 191 5.63 3.34 -12.77
N ASN D 192 6.84 3.82 -12.50
CA ASN D 192 7.96 3.60 -13.40
C ASN D 192 9.04 2.70 -12.81
N GLY D 193 8.95 2.46 -11.51
CA GLY D 193 9.83 1.52 -10.83
C GLY D 193 11.20 2.08 -10.49
N CYS D 194 11.25 3.34 -10.11
CA CYS D 194 12.51 4.03 -9.87
C CYS D 194 12.38 5.05 -8.76
N PRO D 195 13.49 5.38 -8.09
CA PRO D 195 13.46 6.53 -7.19
C PRO D 195 13.02 7.78 -7.94
N ALA D 196 12.24 8.64 -7.30
CA ALA D 196 11.77 9.86 -7.95
C ALA D 196 12.81 10.99 -7.78
N GLU D 197 13.49 11.32 -8.86
CA GLU D 197 14.58 12.29 -8.81
C GLU D 197 14.11 13.70 -9.17
N LYS D 198 14.69 14.68 -8.48
CA LYS D 198 14.41 16.11 -8.67
C LYS D 198 12.96 16.51 -8.36
N MET D 199 12.33 15.80 -7.43
CA MET D 199 11.00 16.20 -6.98
C MET D 199 11.13 17.22 -5.84
N ARG D 200 10.41 18.32 -5.94
CA ARG D 200 10.39 19.29 -4.85
C ARG D 200 9.54 18.81 -3.68
N ILE D 201 10.04 19.07 -2.48
CA ILE D 201 9.40 18.65 -1.24
C ILE D 201 9.52 19.78 -0.22
N HIS D 202 8.39 20.21 0.35
CA HIS D 202 8.40 21.21 1.40
C HIS D 202 8.02 20.56 2.71
N LEU D 203 8.49 21.14 3.80
CA LEU D 203 8.12 20.67 5.14
C LEU D 203 7.73 21.84 6.03
N HIS D 204 6.54 21.75 6.61
CA HIS D 204 6.08 22.73 7.59
C HIS D 204 5.89 22.07 8.94
N ARG D 205 6.12 22.85 10.01
CA ARG D 205 5.71 22.47 11.35
C ARG D 205 4.34 23.09 11.65
N LEU D 206 3.38 22.28 12.05
CA LEU D 206 2.02 22.77 12.29
C LEU D 206 1.76 23.13 13.76
N SER D 207 2.41 22.41 14.67
CA SER D 207 2.25 22.69 16.11
C SER D 207 3.48 22.21 16.87
N PRO D 208 3.74 22.77 18.06
CA PRO D 208 3.02 23.81 18.82
C PRO D 208 3.16 25.19 18.17
N PRO D 209 2.24 26.13 18.49
CA PRO D 209 2.19 27.45 17.84
C PRO D 209 3.48 28.26 17.94
N GLU D 210 4.34 27.95 18.90
CA GLU D 210 5.54 28.73 19.15
C GLU D 210 6.55 28.68 17.99
N MET D 211 6.72 27.52 17.37
CA MET D 211 7.67 27.37 16.28
C MET D 211 7.04 26.84 15.00
N ALA D 212 5.74 27.10 14.83
CA ALA D 212 5.04 26.67 13.63
C ALA D 212 5.54 27.46 12.41
N GLY D 213 5.42 26.87 11.24
CA GLY D 213 5.82 27.54 10.01
C GLY D 213 6.74 26.70 9.16
N LEU D 214 7.26 27.31 8.10
CA LEU D 214 8.14 26.61 7.17
C LEU D 214 9.41 26.12 7.86
N VAL D 215 9.71 24.84 7.66
CA VAL D 215 10.93 24.22 8.16
C VAL D 215 11.99 24.18 7.07
N GLY D 216 11.56 23.89 5.84
CA GLY D 216 12.48 23.88 4.72
C GLY D 216 11.85 23.51 3.38
N GLU D 217 12.55 23.87 2.31
CA GLU D 217 12.18 23.45 0.97
C GLU D 217 13.30 22.56 0.44
N PHE D 218 12.97 21.37 -0.01
CA PHE D 218 13.98 20.40 -0.39
C PHE D 218 13.75 19.88 -1.81
N VAL D 219 14.71 19.11 -2.32
CA VAL D 219 14.55 18.44 -3.60
C VAL D 219 15.22 17.07 -3.48
N THR D 220 14.67 16.07 -4.18
CA THR D 220 15.24 14.73 -4.10
C THR D 220 16.43 14.58 -5.05
N ASN D 221 17.37 13.72 -4.65
CA ASN D 221 18.51 13.38 -5.48
C ASN D 221 18.20 12.16 -6.35
N ASP D 222 19.23 11.57 -6.96
CA ASP D 222 18.99 10.45 -7.87
C ASP D 222 18.64 9.17 -7.14
N ASP D 223 18.82 9.16 -5.83
CA ASP D 223 18.44 8.02 -4.99
C ASP D 223 17.04 8.19 -4.42
N GLY D 224 16.41 9.31 -4.73
CA GLY D 224 15.08 9.61 -4.22
C GLY D 224 15.09 10.12 -2.80
N ARG D 225 16.27 10.46 -2.30
CA ARG D 225 16.44 10.98 -0.94
C ARG D 225 16.62 12.49 -0.99
N LEU D 226 16.44 13.17 0.14
CA LEU D 226 16.60 14.62 0.16
C LEU D 226 18.06 15.03 -0.10
N GLU D 227 18.25 15.91 -1.08
CA GLU D 227 19.55 16.55 -1.25
C GLU D 227 19.89 17.34 0.02
N GLY D 228 21.07 17.10 0.59
CA GLY D 228 21.49 17.81 1.77
C GLY D 228 21.32 17.03 3.06
N GLY D 229 20.77 15.83 2.96
CA GLY D 229 20.63 14.97 4.13
C GLY D 229 19.28 15.12 4.82
N PRO D 230 19.20 14.71 6.11
CA PRO D 230 17.94 14.77 6.85
C PRO D 230 17.32 16.17 6.87
N ALA D 231 16.00 16.22 6.77
CA ALA D 231 15.25 17.47 6.78
C ALA D 231 15.35 18.15 8.14
N LEU D 232 15.33 17.34 9.19
CA LEU D 232 15.43 17.81 10.56
C LEU D 232 16.41 16.92 11.28
N LYS D 233 17.24 17.50 12.15
CA LYS D 233 18.22 16.72 12.88
C LYS D 233 18.59 17.38 14.19
N GLY D 234 18.54 16.62 15.28
CA GLY D 234 18.93 17.12 16.58
C GLY D 234 17.81 17.82 17.34
N GLY D 235 17.95 17.89 18.66
CA GLY D 235 16.88 18.34 19.54
C GLY D 235 16.47 19.80 19.43
N LYS D 236 17.25 20.59 18.72
CA LYS D 236 16.91 21.99 18.54
C LYS D 236 15.99 22.21 17.34
N GLU D 237 15.95 21.26 16.40
CA GLU D 237 15.01 21.40 15.29
C GLU D 237 14.15 20.14 15.08
N PHE D 238 14.66 18.97 15.44
CA PHE D 238 13.84 17.76 15.39
C PHE D 238 13.04 17.63 16.70
N THR D 239 11.95 18.38 16.77
CA THR D 239 11.22 18.55 18.03
C THR D 239 9.84 17.92 17.97
N VAL D 240 9.31 17.55 19.14
CA VAL D 240 7.99 16.95 19.23
C VAL D 240 6.90 17.90 18.76
N GLY D 241 5.99 17.39 17.93
CA GLY D 241 4.93 18.22 17.38
C GLY D 241 4.33 17.61 16.13
N GLN D 242 3.50 18.40 15.46
CA GLN D 242 2.83 17.97 14.24
C GLN D 242 3.46 18.62 13.03
N TYR D 243 3.69 17.84 11.98
CA TYR D 243 4.35 18.32 10.77
C TYR D 243 3.53 17.97 9.53
N GLU D 244 3.92 18.54 8.40
CA GLU D 244 3.27 18.23 7.13
C GLU D 244 4.23 18.34 5.97
N TRP D 245 4.50 17.23 5.29
CA TRP D 245 5.18 17.29 4.00
C TRP D 245 4.22 17.81 2.94
N THR D 246 4.76 18.52 1.96
CA THR D 246 4.07 18.70 0.67
C THR D 246 4.96 18.12 -0.42
N PHE D 247 4.49 17.07 -1.10
CA PHE D 247 5.23 16.54 -2.23
C PHE D 247 4.64 17.08 -3.52
N PHE D 248 5.47 17.65 -4.37
CA PHE D 248 4.98 18.18 -5.63
C PHE D 248 5.07 17.11 -6.72
N CYS D 249 4.16 16.14 -6.67
CA CYS D 249 4.23 14.97 -7.55
C CYS D 249 3.78 15.30 -8.97
N GLY D 250 2.81 16.21 -9.09
CA GLY D 250 2.33 16.65 -10.39
C GLY D 250 3.45 17.17 -11.27
N GLU D 251 4.33 18.00 -10.70
CA GLU D 251 5.49 18.51 -11.41
C GLU D 251 6.38 17.37 -11.89
N TYR D 252 6.64 16.44 -10.97
CA TYR D 252 7.50 15.31 -11.27
C TYR D 252 6.99 14.46 -12.46
N PHE D 253 5.72 14.08 -12.43
CA PHE D 253 5.19 13.21 -13.48
C PHE D 253 5.18 13.93 -14.82
N ALA D 254 4.95 15.24 -14.81
CA ALA D 254 4.96 16.02 -16.04
C ALA D 254 6.34 16.06 -16.66
N SER D 255 7.37 16.02 -15.81
CA SER D 255 8.75 16.09 -16.29
C SER D 255 9.13 14.79 -17.02
N LYS D 256 8.36 13.73 -16.80
CA LYS D 256 8.65 12.45 -17.44
C LYS D 256 7.69 12.14 -18.58
N GLY D 257 6.71 13.03 -18.78
CA GLY D 257 5.72 12.82 -19.80
C GLY D 257 4.71 11.73 -19.45
N THR D 258 4.75 11.26 -18.20
CA THR D 258 3.82 10.24 -17.72
C THR D 258 2.38 10.67 -17.94
N PHE D 259 1.54 9.76 -18.43
CA PHE D 259 0.15 10.13 -18.66
C PHE D 259 -0.58 10.38 -17.35
N THR D 260 -1.26 11.52 -17.28
CA THR D 260 -2.08 11.91 -16.15
C THR D 260 -3.31 12.62 -16.70
N SER D 261 -4.36 12.71 -15.90
CA SER D 261 -5.54 13.48 -16.31
C SER D 261 -5.21 14.97 -16.37
N GLY D 262 -5.95 15.71 -17.21
CA GLY D 262 -5.74 17.15 -17.33
C GLY D 262 -5.89 17.82 -15.98
N GLN D 263 -6.91 17.40 -15.25
CA GLN D 263 -6.99 17.64 -13.81
C GLN D 263 -6.43 16.40 -13.14
N PRO D 264 -5.14 16.42 -12.77
CA PRO D 264 -4.45 15.20 -12.33
C PRO D 264 -5.11 14.61 -11.09
N PHE D 265 -5.17 13.29 -11.00
CA PHE D 265 -5.75 12.67 -9.82
C PHE D 265 -4.91 13.03 -8.61
N LEU D 266 -3.59 13.00 -8.79
CA LEU D 266 -2.68 13.44 -7.76
C LEU D 266 -1.81 14.56 -8.31
N ASP D 267 -1.74 15.65 -7.56
CA ASP D 267 -0.89 16.78 -7.92
C ASP D 267 0.07 17.03 -6.77
N THR D 268 -0.35 17.87 -5.83
CA THR D 268 0.39 18.09 -4.60
C THR D 268 -0.16 17.17 -3.53
N ILE D 269 0.73 16.46 -2.84
CA ILE D 269 0.29 15.53 -1.82
C ILE D 269 0.74 16.02 -0.47
N PRO D 270 -0.23 16.37 0.40
CA PRO D 270 0.12 16.68 1.79
C PRO D 270 0.24 15.40 2.60
N LEU D 271 1.21 15.36 3.49
CA LEU D 271 1.39 14.20 4.36
C LEU D 271 1.56 14.72 5.77
N ARG D 272 0.51 14.59 6.57
CA ARG D 272 0.48 15.12 7.93
C ARG D 272 0.88 14.04 8.93
N PHE D 273 1.85 14.34 9.78
CA PHE D 273 2.33 13.34 10.74
C PHE D 273 2.85 13.97 12.02
N GLY D 274 2.91 13.16 13.06
CA GLY D 274 3.44 13.60 14.35
C GLY D 274 4.76 12.96 14.73
N ILE D 275 5.59 13.73 15.44
CA ILE D 275 6.83 13.23 16.00
C ILE D 275 6.69 13.20 17.52
N ASP D 276 6.91 12.03 18.10
CA ASP D 276 6.62 11.81 19.52
C ASP D 276 7.88 11.73 20.38
N ASN D 277 9.02 11.42 19.77
CA ASN D 277 10.25 11.17 20.52
C ASN D 277 11.47 11.77 19.84
N PRO D 278 12.09 12.78 20.47
CA PRO D 278 13.25 13.48 19.89
C PRO D 278 14.51 12.60 19.78
N ASP D 279 14.55 11.45 20.44
CA ASP D 279 15.70 10.55 20.35
C ASP D 279 15.69 9.69 19.09
N ASP D 280 14.52 9.53 18.48
CA ASP D 280 14.34 8.52 17.43
C ASP D 280 14.64 9.01 16.01
N HIS D 281 14.99 8.05 15.16
CA HIS D 281 15.07 8.30 13.72
C HIS D 281 13.72 7.98 13.10
N TYR D 282 13.06 8.99 12.56
CA TYR D 282 11.82 8.79 11.83
C TYR D 282 12.13 8.79 10.34
N HIS D 283 11.71 7.74 9.65
CA HIS D 283 11.83 7.70 8.21
C HIS D 283 10.41 7.66 7.67
N VAL D 284 10.01 8.71 6.98
CA VAL D 284 8.62 8.87 6.54
C VAL D 284 8.57 9.09 5.03
N PRO D 285 8.56 7.97 4.28
CA PRO D 285 8.66 7.96 2.81
C PRO D 285 7.32 8.01 2.08
N LEU D 286 7.40 8.16 0.76
CA LEU D 286 6.22 8.18 -0.09
C LEU D 286 6.42 7.17 -1.22
N LEU D 287 5.46 6.28 -1.40
CA LEU D 287 5.41 5.44 -2.58
C LEU D 287 4.31 6.01 -3.45
N VAL D 288 4.58 6.27 -4.71
CA VAL D 288 3.61 7.03 -5.50
C VAL D 288 3.62 6.70 -6.99
N SER D 289 2.41 6.64 -7.55
CA SER D 289 2.17 6.59 -8.98
C SER D 289 1.18 7.72 -9.28
N PRO D 290 0.84 7.96 -10.56
CA PRO D 290 -0.18 8.99 -10.78
C PRO D 290 -1.55 8.63 -10.19
N TRP D 291 -1.75 7.38 -9.79
CA TRP D 291 -3.08 6.88 -9.45
C TRP D 291 -3.19 6.30 -8.06
N SER D 292 -2.11 6.40 -7.29
CA SER D 292 -2.06 5.80 -5.96
C SER D 292 -0.90 6.33 -5.14
N PHE D 293 -1.03 6.32 -3.82
CA PHE D 293 0.15 6.55 -3.01
C PHE D 293 -0.04 5.91 -1.66
N SER D 294 1.08 5.68 -0.98
CA SER D 294 1.08 5.08 0.35
C SER D 294 2.26 5.61 1.12
N THR D 295 2.15 5.59 2.45
CA THR D 295 3.25 5.99 3.29
C THR D 295 3.17 5.20 4.58
N TYR D 296 4.23 5.28 5.37
CA TYR D 296 4.27 4.53 6.61
C TYR D 296 5.33 5.10 7.55
N ARG D 297 5.22 4.74 8.82
CA ARG D 297 6.23 5.04 9.82
C ARG D 297 7.40 4.08 9.66
N GLY D 298 8.49 4.58 9.07
CA GLY D 298 9.69 3.76 8.92
C GLY D 298 10.78 4.14 9.90
N SER D 299 11.91 3.45 9.81
CA SER D 299 13.07 3.72 10.66
C SER D 299 14.37 3.46 9.93
#